data_7K7G
#
_entry.id   7K7G
#
_cell.length_a   1.00
_cell.length_b   1.00
_cell.length_c   1.00
_cell.angle_alpha   90.00
_cell.angle_beta   90.00
_cell.angle_gamma   90.00
#
_symmetry.space_group_name_H-M   'P 1'
#
loop_
_entity.id
_entity.type
_entity.pdbx_description
1 polymer 'Histone H3'
2 polymer 'Histone H4'
3 polymer 'Histone H2A.1'
4 polymer 'Histone H2B.1'
5 polymer 'DNA (147-MER)'
6 polymer 'DNA (147-MER)'
7 polymer 'Centromere DNA-binding protein complex CBF3 subunit B'
8 non-polymer 'ZINC ION'
#
loop_
_entity_poly.entity_id
_entity_poly.type
_entity_poly.pdbx_seq_one_letter_code
_entity_poly.pdbx_strand_id
1 'polypeptide(L)'
;MARTKQTARKSTGGKAPRKQLASKAARKSAPSTGGVKKPHRYKPGTVALREIRRFQKSTELLIRKLPFQRLVREIAQDFK
TDLRFQSSAIGALQESVEAYLVSLFEDTNLAAIHAKRVTIQKKDIKLARRLRGERS
;
A,E
2 'polypeptide(L)'
;MSGRGKGGKGLGKGGAKRHRKILRDNIQGITKPAIRRLARRGGVKRISGLIYEEVRAVLKSFLESVIRDSVTYTEHAKRK
TVTSLDVVYALKRQGRTLYGFGG
;
B,F
3 'polypeptide(L)'
;MSGGKGGKAGSAAKASQSRSAKAGLTFPVGRVHRLLRRGNYAQRIGSGAPVYLTAVLEYLAAEILELAGNAARDNKKTRI
IPRHLQLAIRNDDELNKLLGNVTIAQGGVLPNIHQNLLPKKSAKATKASQEL
;
C,G
4 'polypeptide(L)'
;MSAKAEKKPASKAPAEKKPAAKKTSTSTDGKKRSKARKETYSSYIYKVLKQTHPDTGISQKSMSILNSFVNDIFERIATE
ASKLAAYNKKSTISAREIQTAVRLILPGELAKHAVSEGTRAVTKYSSSTQA
;
D,H
5 'polydeoxyribonucleotide'
;(DA)(DT)(DC)(DG)(DA)(DG)(DA)(DA)(DT)(DC)(DC)(DC)(DG)(DG)(DT)(DG)(DC)(DC)(DG)(DA)
(DG)(DG)(DC)(DC)(DG)(DC)(DT)(DC)(DA)(DA)(DT)(DT)(DG)(DG)(DT)(DC)(DG)(DT)(DA)(DG)
(DA)(DC)(DA)(DG)(DC)(DT)(DC)(DT)(DA)(DG)(DC)(DA)(DC)(DC)(DG)(DC)(DT)(DT)(DA)(DA)
(DA)(DC)(DG)(DC)(DA)(DC)(DG)(DT)(DA)(DC)(DG)(DC)(DG)(DC)(DT)(DG)(DT)(DC)(DC)(DC)
(DC)(DC)(DG)(DC)(DG)(DT)(DT)(DT)(DT)(DA)(DA)(DT)(DA)(DT)(DT)(DA)(DG)(DT)(DG)(DT)
(DA)(DT)(DT)(DT)(DG)(DA)(DT)(DT)(DT)(DC)(DC)(DG)(DA)(DA)(DA)(DG)(DT)(DT)(DA)(DA)
(DA)(DA)(DA)(DA)(DG)(DA)(DA)(DA)(DT)(DA)(DG)(DT)(DA)(DA)(DG)(DA)(DA)(DA)(DT)(DC)
(DA)(DT)(DC)(DC)(DG)(DA)(DT)
;
I
6 'polydeoxyribonucleotide'
;(DA)(DT)(DC)(DG)(DG)(DA)(DT)(DG)(DA)(DT)(DT)(DT)(DC)(DT)(DT)(DA)(DC)(DT)(DA)(DT)
(DT)(DT)(DC)(DT)(DT)(DT)(DT)(DT)(DT)(DA)(DA)(DC)(DT)(DT)(DT)(DC)(DG)(DG)(DA)(DA)
(DA)(DT)(DC)(DA)(DA)(DA)(DT)(DA)(DC)(DA)(DC)(DT)(DA)(DA)(DT)(DA)(DT)(DT)(DA)(DA)
(DA)(DA)(DC)(DG)(DC)(DG)(DG)(DG)(DG)(DG)(DA)(DC)(DA)(DG)(DC)(DG)(DC)(DG)(DT)(DA)
(DC)(DG)(DT)(DG)(DC)(DG)(DT)(DT)(DT)(DA)(DA)(DG)(DC)(DG)(DG)(DT)(DG)(DC)(DT)(DA)
(DG)(DA)(DG)(DC)(DT)(DG)(DT)(DC)(DT)(DA)(DC)(DG)(DA)(DC)(DC)(DA)(DA)(DT)(DT)(DG)
(DA)(DG)(DC)(DG)(DG)(DC)(DC)(DT)(DC)(DG)(DG)(DC)(DA)(DC)(DC)(DG)(DG)(DG)(DA)(DT)
(DT)(DC)(DT)(DC)(DG)(DA)(DT)
;
J
7 'polypeptide(L)' MFNRTTQLKSKHPCSVCTRRKVKCDRMIPCGNCRKRGQDSECMKSTKL M
#
# COMPACT_ATOMS: atom_id res chain seq x y z
N GLY A 45 -13.22 12.34 -41.63
CA GLY A 45 -12.60 12.68 -40.37
C GLY A 45 -12.07 14.10 -40.34
N THR A 46 -12.98 15.07 -40.46
CA THR A 46 -12.62 16.48 -40.46
C THR A 46 -12.13 16.96 -39.10
N VAL A 47 -12.85 16.62 -38.03
CA VAL A 47 -12.43 17.03 -36.70
C VAL A 47 -12.13 15.81 -35.81
N ALA A 48 -10.84 15.54 -35.62
CA ALA A 48 -10.39 14.49 -34.73
C ALA A 48 -9.20 14.86 -33.88
N LEU A 49 -8.36 15.79 -34.32
CA LEU A 49 -7.13 16.11 -33.61
C LEU A 49 -7.02 17.56 -33.14
N ARG A 50 -7.72 18.51 -33.76
CA ARG A 50 -7.69 19.88 -33.23
C ARG A 50 -8.63 20.05 -32.05
N GLU A 51 -9.51 19.09 -31.81
CA GLU A 51 -10.42 19.16 -30.67
C GLU A 51 -10.02 18.21 -29.55
N ILE A 52 -9.24 17.16 -29.84
CA ILE A 52 -8.77 16.22 -28.83
C ILE A 52 -7.83 16.90 -27.83
N ARG A 53 -7.20 18.01 -28.22
CA ARG A 53 -6.37 18.79 -27.32
C ARG A 53 -7.09 20.01 -26.78
N ARG A 54 -8.26 20.33 -27.36
CA ARG A 54 -9.06 21.47 -26.90
C ARG A 54 -9.57 21.25 -25.49
N PHE A 55 -10.05 20.05 -25.18
CA PHE A 55 -10.55 19.78 -23.84
C PHE A 55 -9.48 19.18 -22.92
N GLN A 56 -8.29 18.92 -23.44
CA GLN A 56 -7.15 18.61 -22.59
C GLN A 56 -6.64 19.83 -21.84
N LYS A 57 -7.04 21.03 -22.26
CA LYS A 57 -6.69 22.27 -21.58
C LYS A 57 -7.80 22.68 -20.62
N SER A 58 -9.05 22.55 -21.06
CA SER A 58 -10.20 22.98 -20.27
C SER A 58 -10.51 21.92 -19.23
N THR A 59 -9.79 21.98 -18.11
CA THR A 59 -10.01 21.07 -16.99
C THR A 59 -11.26 21.52 -16.24
N GLU A 60 -12.32 20.74 -16.36
CA GLU A 60 -13.57 21.01 -15.67
C GLU A 60 -14.19 19.67 -15.27
N LEU A 61 -15.39 19.72 -14.71
CA LEU A 61 -16.19 18.52 -14.52
C LEU A 61 -16.96 18.30 -15.83
N LEU A 62 -16.75 17.14 -16.43
CA LEU A 62 -17.26 16.91 -17.77
C LEU A 62 -18.57 16.16 -17.75
N ILE A 63 -18.67 15.15 -16.88
CA ILE A 63 -19.93 14.47 -16.66
C ILE A 63 -20.90 15.42 -16.02
N ARG A 64 -22.08 15.56 -16.63
CA ARG A 64 -23.05 16.53 -16.16
C ARG A 64 -23.62 16.08 -14.82
N LYS A 65 -23.69 17.01 -13.88
CA LYS A 65 -23.70 16.66 -12.46
C LYS A 65 -25.05 16.14 -11.99
N LEU A 66 -26.15 16.63 -12.56
CA LEU A 66 -27.47 16.21 -12.11
C LEU A 66 -27.79 14.73 -12.34
N PRO A 67 -27.63 14.14 -13.54
CA PRO A 67 -27.89 12.70 -13.65
C PRO A 67 -26.90 11.84 -12.89
N PHE A 68 -25.68 12.34 -12.71
CA PHE A 68 -24.71 11.70 -11.84
C PHE A 68 -25.19 11.67 -10.40
N GLN A 69 -25.76 12.78 -9.94
CA GLN A 69 -26.29 12.86 -8.58
C GLN A 69 -27.49 11.93 -8.40
N ARG A 70 -28.38 11.90 -9.39
CA ARG A 70 -29.55 11.02 -9.30
C ARG A 70 -29.13 9.56 -9.33
N LEU A 71 -28.12 9.23 -10.14
CA LEU A 71 -27.61 7.86 -10.20
C LEU A 71 -27.03 7.43 -8.86
N VAL A 72 -26.22 8.32 -8.26
CA VAL A 72 -25.60 7.94 -6.99
C VAL A 72 -26.63 7.88 -5.87
N ARG A 73 -27.68 8.71 -5.95
CA ARG A 73 -28.72 8.64 -4.94
C ARG A 73 -29.54 7.36 -5.10
N GLU A 74 -29.74 6.92 -6.34
CA GLU A 74 -30.49 5.68 -6.57
C GLU A 74 -29.70 4.47 -6.11
N ILE A 75 -28.39 4.44 -6.39
CA ILE A 75 -27.64 3.26 -5.98
C ILE A 75 -27.29 3.32 -4.51
N ALA A 76 -27.36 4.49 -3.88
CA ALA A 76 -27.34 4.54 -2.42
C ALA A 76 -28.66 4.06 -1.85
N GLN A 77 -29.76 4.34 -2.56
CA GLN A 77 -31.08 3.88 -2.15
C GLN A 77 -31.21 2.37 -2.28
N ASP A 78 -30.38 1.75 -3.12
CA ASP A 78 -30.33 0.30 -3.14
C ASP A 78 -29.71 -0.28 -1.88
N PHE A 79 -28.93 0.51 -1.15
CA PHE A 79 -28.56 0.17 0.22
C PHE A 79 -29.63 0.69 1.15
N LYS A 80 -29.63 0.19 2.39
CA LYS A 80 -30.81 0.16 3.25
C LYS A 80 -31.32 1.54 3.65
N THR A 81 -30.42 2.44 4.02
CA THR A 81 -30.85 3.69 4.59
C THR A 81 -31.28 4.69 3.53
N ASP A 82 -32.22 5.55 3.91
CA ASP A 82 -32.62 6.70 3.09
C ASP A 82 -31.67 7.87 3.38
N LEU A 83 -30.46 7.73 2.86
CA LEU A 83 -29.29 8.40 3.42
C LEU A 83 -28.91 9.60 2.57
N ARG A 84 -28.98 10.79 3.17
CA ARG A 84 -28.67 12.02 2.46
C ARG A 84 -27.17 12.25 2.37
N PHE A 85 -26.78 13.30 1.67
CA PHE A 85 -25.38 13.56 1.40
C PHE A 85 -25.03 15.02 1.65
N GLN A 86 -23.76 15.23 1.97
CA GLN A 86 -23.19 16.55 1.81
C GLN A 86 -23.10 16.88 0.33
N SER A 87 -23.33 18.15 0.01
CA SER A 87 -23.34 18.59 -1.38
C SER A 87 -21.94 18.47 -2.00
N SER A 88 -20.92 18.74 -1.21
CA SER A 88 -19.54 18.60 -1.65
C SER A 88 -19.15 17.15 -1.93
N ALA A 89 -19.82 16.18 -1.28
CA ALA A 89 -19.46 14.78 -1.45
C ALA A 89 -19.79 14.28 -2.84
N ILE A 90 -20.75 14.91 -3.51
CA ILE A 90 -21.08 14.56 -4.88
C ILE A 90 -19.91 14.86 -5.81
N GLY A 91 -19.37 16.07 -5.71
CA GLY A 91 -18.18 16.40 -6.49
C GLY A 91 -16.97 15.60 -6.06
N ALA A 92 -16.89 15.31 -4.77
CA ALA A 92 -15.81 14.48 -4.24
C ALA A 92 -15.84 13.09 -4.84
N LEU A 93 -17.02 12.55 -5.12
CA LEU A 93 -17.10 11.36 -5.95
C LEU A 93 -16.69 11.66 -7.38
N GLN A 94 -17.23 12.74 -7.94
CA GLN A 94 -17.26 12.95 -9.39
C GLN A 94 -15.88 13.09 -9.98
N GLU A 95 -14.98 13.80 -9.28
CA GLU A 95 -13.60 13.88 -9.74
C GLU A 95 -12.89 12.53 -9.72
N SER A 96 -13.12 11.72 -8.68
CA SER A 96 -12.52 10.39 -8.64
C SER A 96 -13.08 9.49 -9.74
N VAL A 97 -14.38 9.64 -10.01
CA VAL A 97 -15.06 8.89 -11.06
C VAL A 97 -14.45 9.22 -12.41
N GLU A 98 -14.31 10.51 -12.70
CA GLU A 98 -13.72 10.92 -13.97
C GLU A 98 -12.26 10.53 -14.06
N ALA A 99 -11.55 10.51 -12.94
CA ALA A 99 -10.16 10.09 -12.93
C ALA A 99 -10.02 8.63 -13.31
N TYR A 100 -10.84 7.78 -12.68
CA TYR A 100 -10.85 6.35 -13.03
C TYR A 100 -11.25 6.11 -14.47
N LEU A 101 -12.22 6.88 -14.95
CA LEU A 101 -12.73 6.65 -16.29
C LEU A 101 -11.72 7.09 -17.34
N VAL A 102 -11.03 8.22 -17.10
CA VAL A 102 -9.96 8.68 -17.98
C VAL A 102 -8.79 7.71 -17.97
N SER A 103 -8.46 7.16 -16.79
CA SER A 103 -7.37 6.20 -16.69
C SER A 103 -7.66 4.93 -17.50
N LEU A 104 -8.89 4.42 -17.39
CA LEU A 104 -9.22 3.24 -18.16
C LEU A 104 -9.31 3.54 -19.64
N PHE A 105 -9.80 4.73 -20.00
CA PHE A 105 -9.81 5.16 -21.40
C PHE A 105 -8.41 5.16 -22.00
N GLU A 106 -7.45 5.77 -21.30
CA GLU A 106 -6.10 5.86 -21.82
C GLU A 106 -5.45 4.49 -21.91
N ASP A 107 -5.71 3.64 -20.91
CA ASP A 107 -5.12 2.30 -20.90
C ASP A 107 -5.65 1.45 -22.05
N THR A 108 -6.97 1.48 -22.29
CA THR A 108 -7.50 0.68 -23.37
C THR A 108 -7.18 1.29 -24.72
N ASN A 109 -6.94 2.62 -24.77
CA ASN A 109 -6.43 3.23 -25.98
C ASN A 109 -5.06 2.70 -26.33
N LEU A 110 -4.17 2.61 -25.35
CA LEU A 110 -2.81 2.18 -25.66
C LEU A 110 -2.81 0.69 -26.00
N ALA A 111 -3.73 -0.06 -25.38
CA ALA A 111 -3.93 -1.46 -25.74
C ALA A 111 -4.42 -1.61 -27.18
N ALA A 112 -5.36 -0.77 -27.61
CA ALA A 112 -5.90 -0.90 -28.96
C ALA A 112 -4.92 -0.41 -30.00
N ILE A 113 -4.06 0.55 -29.63
CA ILE A 113 -3.00 0.96 -30.53
C ILE A 113 -1.98 -0.16 -30.71
N HIS A 114 -1.72 -0.90 -29.63
CA HIS A 114 -0.92 -2.11 -29.77
C HIS A 114 -1.65 -3.15 -30.61
N ALA A 115 -2.98 -3.14 -30.58
CA ALA A 115 -3.79 -4.07 -31.37
C ALA A 115 -3.88 -3.68 -32.84
N LYS A 116 -3.10 -2.67 -33.27
CA LYS A 116 -2.87 -2.32 -34.67
C LYS A 116 -4.16 -1.85 -35.34
N ARG A 117 -5.03 -1.23 -34.55
CA ARG A 117 -6.20 -0.55 -35.03
C ARG A 117 -6.28 0.78 -34.30
N VAL A 118 -7.17 1.66 -34.75
CA VAL A 118 -7.37 2.94 -34.10
C VAL A 118 -8.72 3.04 -33.42
N THR A 119 -9.53 1.98 -33.43
CA THR A 119 -10.86 1.99 -32.87
C THR A 119 -10.84 1.16 -31.59
N ILE A 120 -11.64 1.57 -30.60
CA ILE A 120 -11.79 0.78 -29.38
C ILE A 120 -13.09 0.00 -29.44
N GLN A 121 -12.96 -1.31 -29.24
CA GLN A 121 -14.09 -2.18 -29.00
C GLN A 121 -14.05 -2.60 -27.54
N LYS A 122 -15.20 -3.08 -27.04
CA LYS A 122 -15.30 -3.50 -25.65
C LYS A 122 -14.41 -4.69 -25.32
N LYS A 123 -14.02 -5.46 -26.34
CA LYS A 123 -12.99 -6.49 -26.20
C LYS A 123 -11.70 -5.94 -25.61
N ASP A 124 -11.31 -4.75 -25.98
CA ASP A 124 -10.13 -4.13 -25.41
C ASP A 124 -10.34 -3.60 -24.00
N ILE A 125 -11.54 -3.12 -23.69
CA ILE A 125 -11.83 -2.65 -22.33
C ILE A 125 -11.80 -3.82 -21.36
N LYS A 126 -12.35 -4.97 -21.77
CA LYS A 126 -12.32 -6.15 -20.94
C LYS A 126 -10.88 -6.62 -20.71
N LEU A 127 -10.05 -6.53 -21.74
CA LEU A 127 -8.61 -6.80 -21.60
C LEU A 127 -7.97 -5.85 -20.60
N ALA A 128 -8.21 -4.56 -20.76
CA ALA A 128 -7.53 -3.54 -19.97
C ALA A 128 -7.93 -3.62 -18.50
N ARG A 129 -9.19 -3.94 -18.24
CA ARG A 129 -9.59 -4.15 -16.85
C ARG A 129 -9.09 -5.47 -16.32
N ARG A 130 -9.01 -6.51 -17.17
CA ARG A 130 -8.63 -7.82 -16.67
C ARG A 130 -7.15 -7.88 -16.32
N LEU A 131 -6.31 -7.19 -17.09
CA LEU A 131 -4.89 -7.19 -16.81
C LEU A 131 -4.52 -6.32 -15.63
N ARG A 132 -5.43 -5.44 -15.20
CA ARG A 132 -5.12 -4.40 -14.23
C ARG A 132 -5.51 -4.85 -12.82
N GLY A 133 -5.78 -6.14 -12.61
CA GLY A 133 -6.31 -6.53 -11.33
C GLY A 133 -7.77 -6.91 -11.37
N GLU A 134 -8.63 -5.95 -11.01
CA GLU A 134 -10.05 -6.18 -10.73
C GLU A 134 -10.81 -6.74 -11.94
N ARG A 135 -12.00 -7.24 -11.66
CA ARG A 135 -12.86 -7.81 -12.69
C ARG A 135 -14.32 -7.78 -12.26
N ARG B 24 -36.80 4.65 -18.10
CA ARG B 24 -35.51 5.32 -18.24
C ARG B 24 -34.85 5.56 -16.90
N ASP B 25 -34.00 4.62 -16.47
CA ASP B 25 -33.23 4.81 -15.25
C ASP B 25 -31.99 5.68 -15.53
N ASN B 26 -31.22 5.96 -14.49
CA ASN B 26 -30.20 6.99 -14.57
C ASN B 26 -28.87 6.46 -15.09
N ILE B 27 -28.74 5.15 -15.31
CA ILE B 27 -27.52 4.63 -15.90
C ILE B 27 -27.40 5.06 -17.35
N GLN B 28 -28.54 5.30 -18.01
CA GLN B 28 -28.56 5.91 -19.33
C GLN B 28 -28.53 7.42 -19.26
N GLY B 29 -28.48 7.99 -18.05
CA GLY B 29 -28.24 9.42 -17.92
C GLY B 29 -26.83 9.79 -18.31
N ILE B 30 -25.91 8.83 -18.28
CA ILE B 30 -24.55 9.04 -18.78
C ILE B 30 -24.63 9.03 -20.29
N THR B 31 -24.62 10.20 -20.90
CA THR B 31 -24.88 10.29 -22.32
C THR B 31 -23.66 9.86 -23.14
N LYS B 32 -23.96 9.29 -24.30
CA LYS B 32 -22.94 9.00 -25.31
C LYS B 32 -22.09 10.21 -25.71
N PRO B 33 -22.63 11.44 -25.85
CA PRO B 33 -21.70 12.59 -25.98
C PRO B 33 -20.78 12.79 -24.78
N ALA B 34 -21.23 12.50 -23.57
CA ALA B 34 -20.35 12.65 -22.41
C ALA B 34 -19.22 11.63 -22.43
N ILE B 35 -19.55 10.39 -22.83
CA ILE B 35 -18.54 9.34 -22.93
C ILE B 35 -17.57 9.66 -24.06
N ARG B 36 -18.10 10.17 -25.18
CA ARG B 36 -17.26 10.60 -26.29
C ARG B 36 -16.38 11.77 -25.89
N ARG B 37 -16.91 12.66 -25.04
CA ARG B 37 -16.16 13.83 -24.62
C ARG B 37 -15.01 13.43 -23.70
N LEU B 38 -15.28 12.51 -22.77
CA LEU B 38 -14.23 12.00 -21.90
C LEU B 38 -13.24 11.15 -22.68
N ALA B 39 -13.73 10.48 -23.73
CA ALA B 39 -12.86 9.76 -24.63
C ALA B 39 -11.94 10.69 -25.39
N ARG B 40 -12.45 11.88 -25.74
CA ARG B 40 -11.61 12.92 -26.33
C ARG B 40 -10.54 13.36 -25.35
N ARG B 41 -10.89 13.52 -24.09
CA ARG B 41 -9.84 13.79 -23.11
C ARG B 41 -9.02 12.56 -22.81
N GLY B 42 -9.58 11.37 -23.05
CA GLY B 42 -8.84 10.15 -22.91
C GLY B 42 -7.72 9.98 -23.92
N GLY B 43 -7.96 10.35 -25.17
CA GLY B 43 -6.93 10.18 -26.17
C GLY B 43 -7.28 9.24 -27.29
N VAL B 44 -8.54 9.23 -27.72
CA VAL B 44 -8.98 8.35 -28.80
C VAL B 44 -9.78 9.17 -29.81
N LYS B 45 -9.93 8.64 -31.02
CA LYS B 45 -10.74 9.26 -32.07
C LYS B 45 -11.77 8.31 -32.67
N ARG B 46 -11.44 7.02 -32.76
CA ARG B 46 -12.40 6.02 -33.24
C ARG B 46 -12.81 5.14 -32.06
N ILE B 47 -14.11 4.99 -31.87
CA ILE B 47 -14.68 4.10 -30.87
C ILE B 47 -15.88 3.39 -31.46
N SER B 48 -16.26 2.29 -30.82
CA SER B 48 -17.45 1.56 -31.25
C SER B 48 -18.70 2.16 -30.61
N GLY B 49 -19.85 1.52 -30.85
CA GLY B 49 -21.08 1.92 -30.21
C GLY B 49 -21.39 1.00 -29.05
N LEU B 50 -20.66 -0.11 -28.99
CA LEU B 50 -20.72 -1.05 -27.89
C LEU B 50 -20.00 -0.53 -26.66
N ILE B 51 -19.14 0.47 -26.88
CA ILE B 51 -18.27 1.05 -25.86
C ILE B 51 -19.08 1.68 -24.73
N TYR B 52 -20.15 2.41 -25.08
CA TYR B 52 -20.94 3.13 -24.10
C TYR B 52 -21.61 2.20 -23.10
N GLU B 53 -22.16 1.09 -23.56
CA GLU B 53 -22.78 0.14 -22.67
C GLU B 53 -21.77 -0.61 -21.82
N GLU B 54 -20.63 -0.99 -22.42
CA GLU B 54 -19.55 -1.61 -21.67
C GLU B 54 -19.00 -0.69 -20.57
N VAL B 55 -18.81 0.59 -20.89
CA VAL B 55 -18.21 1.48 -19.92
C VAL B 55 -19.22 1.86 -18.84
N ARG B 56 -20.52 1.82 -19.16
CA ARG B 56 -21.54 1.99 -18.13
C ARG B 56 -21.49 0.86 -17.12
N ALA B 57 -21.32 -0.38 -17.60
CA ALA B 57 -21.16 -1.51 -16.70
C ALA B 57 -19.92 -1.40 -15.81
N VAL B 58 -18.79 -1.01 -16.40
CA VAL B 58 -17.55 -0.90 -15.64
C VAL B 58 -17.66 0.20 -14.58
N LEU B 59 -18.21 1.34 -14.97
CA LEU B 59 -18.34 2.47 -14.05
C LEU B 59 -19.29 2.16 -12.91
N LYS B 60 -20.39 1.45 -13.21
CA LYS B 60 -21.32 1.04 -12.17
C LYS B 60 -20.66 0.09 -11.17
N SER B 61 -19.84 -0.85 -11.66
CA SER B 61 -19.13 -1.76 -10.78
C SER B 61 -18.17 -1.01 -9.85
N PHE B 62 -17.47 -0.01 -10.40
CA PHE B 62 -16.60 0.86 -9.60
C PHE B 62 -17.38 1.61 -8.52
N LEU B 63 -18.56 2.13 -8.88
CA LEU B 63 -19.32 2.90 -7.90
C LEU B 63 -19.90 2.04 -6.80
N GLU B 64 -20.38 0.82 -7.11
CA GLU B 64 -20.78 -0.06 -6.02
C GLU B 64 -19.62 -0.39 -5.10
N SER B 65 -18.46 -0.69 -5.67
CA SER B 65 -17.31 -1.07 -4.85
C SER B 65 -16.73 0.07 -4.04
N VAL B 66 -17.14 1.32 -4.28
CA VAL B 66 -16.71 2.42 -3.42
C VAL B 66 -17.80 2.90 -2.46
N ILE B 67 -19.06 2.96 -2.92
CA ILE B 67 -20.07 3.55 -2.04
C ILE B 67 -20.57 2.52 -1.03
N ARG B 68 -20.27 1.23 -1.24
CA ARG B 68 -20.49 0.27 -0.17
C ARG B 68 -19.60 0.57 1.04
N ASP B 69 -18.33 0.89 0.80
CA ASP B 69 -17.44 1.28 1.87
C ASP B 69 -17.81 2.63 2.48
N SER B 70 -18.24 3.57 1.63
CA SER B 70 -18.64 4.88 2.15
C SER B 70 -19.89 4.81 3.03
N VAL B 71 -20.87 4.02 2.61
CA VAL B 71 -22.08 3.83 3.41
C VAL B 71 -21.75 3.11 4.71
N THR B 72 -20.78 2.19 4.68
CA THR B 72 -20.34 1.54 5.92
C THR B 72 -19.72 2.55 6.88
N TYR B 73 -18.88 3.45 6.37
CA TYR B 73 -18.28 4.47 7.23
C TYR B 73 -19.31 5.45 7.76
N THR B 74 -20.34 5.74 6.97
CA THR B 74 -21.41 6.61 7.44
C THR B 74 -22.26 5.93 8.50
N GLU B 75 -22.52 4.64 8.32
CA GLU B 75 -23.39 3.90 9.22
C GLU B 75 -22.72 3.65 10.57
N HIS B 76 -21.40 3.43 10.56
CA HIS B 76 -20.71 3.12 11.80
C HIS B 76 -20.71 4.29 12.76
N ALA B 77 -20.51 5.50 12.26
CA ALA B 77 -20.43 6.65 13.13
C ALA B 77 -21.79 7.17 13.56
N LYS B 78 -22.87 6.45 13.23
CA LYS B 78 -24.24 6.76 13.66
C LYS B 78 -24.69 8.12 13.15
N ARG B 79 -24.17 8.51 12.00
CA ARG B 79 -24.50 9.76 11.34
C ARG B 79 -25.34 9.43 10.12
N LYS B 80 -26.42 10.17 9.91
CA LYS B 80 -27.34 9.82 8.86
C LYS B 80 -27.13 10.63 7.59
N THR B 81 -25.91 11.13 7.36
CA THR B 81 -25.57 11.78 6.11
C THR B 81 -24.09 11.57 5.80
N VAL B 82 -23.76 11.59 4.51
CA VAL B 82 -22.42 11.31 4.05
C VAL B 82 -21.74 12.63 3.73
N THR B 83 -20.51 12.80 4.20
CA THR B 83 -19.72 13.97 3.84
C THR B 83 -18.45 13.56 3.12
N SER B 84 -17.63 14.57 2.82
CA SER B 84 -16.50 14.36 1.91
C SER B 84 -15.36 13.61 2.59
N LEU B 85 -15.21 13.79 3.91
CA LEU B 85 -14.19 13.04 4.63
C LEU B 85 -14.48 11.55 4.63
N ASP B 86 -15.77 11.19 4.66
CA ASP B 86 -16.16 9.81 4.49
C ASP B 86 -15.77 9.29 3.12
N VAL B 87 -15.93 10.13 2.10
CA VAL B 87 -15.58 9.76 0.73
C VAL B 87 -14.08 9.52 0.61
N VAL B 88 -13.29 10.42 1.17
CA VAL B 88 -11.84 10.32 1.09
C VAL B 88 -11.35 9.12 1.87
N TYR B 89 -11.96 8.88 3.03
CA TYR B 89 -11.61 7.72 3.84
C TYR B 89 -11.98 6.42 3.14
N ALA B 90 -13.09 6.43 2.39
CA ALA B 90 -13.47 5.25 1.63
C ALA B 90 -12.53 5.02 0.47
N LEU B 91 -12.15 6.09 -0.23
CA LEU B 91 -11.26 5.97 -1.38
C LEU B 91 -9.87 5.54 -0.97
N LYS B 92 -9.47 5.86 0.28
CA LYS B 92 -8.19 5.41 0.81
C LYS B 92 -8.09 3.90 0.85
N ARG B 93 -9.20 3.20 1.00
CA ARG B 93 -9.19 1.74 0.98
C ARG B 93 -8.89 1.19 -0.40
N GLN B 94 -9.22 1.93 -1.45
CA GLN B 94 -9.03 1.42 -2.80
C GLN B 94 -7.57 1.49 -3.23
N GLY B 95 -6.76 2.26 -2.52
CA GLY B 95 -5.38 2.45 -2.90
C GLY B 95 -5.27 3.73 -3.69
N ARG B 96 -6.18 4.65 -3.43
CA ARG B 96 -6.31 5.89 -4.19
C ARG B 96 -6.48 7.05 -3.23
N THR B 97 -5.75 8.14 -3.48
CA THR B 97 -5.81 9.25 -2.56
C THR B 97 -6.25 10.50 -3.30
N LEU B 98 -7.16 11.26 -2.68
CA LEU B 98 -7.70 12.48 -3.24
C LEU B 98 -7.45 13.64 -2.29
N TYR B 99 -6.60 14.56 -2.71
CA TYR B 99 -6.38 15.77 -1.92
C TYR B 99 -7.39 16.85 -2.32
N GLY B 100 -7.29 17.99 -1.67
CA GLY B 100 -8.11 19.13 -1.98
C GLY B 100 -9.37 19.26 -1.17
N PHE B 101 -9.85 18.16 -0.60
CA PHE B 101 -11.10 18.18 0.16
C PHE B 101 -10.85 17.76 1.60
N GLY B 102 -9.61 17.42 1.92
CA GLY B 102 -9.25 17.03 3.28
C GLY B 102 -9.01 15.55 3.42
N GLY B 103 -7.78 15.14 3.71
CA GLY B 103 -7.47 13.74 3.91
C GLY B 103 -6.00 13.42 3.82
N ARG C 19 -12.49 -17.95 29.16
CA ARG C 19 -13.42 -17.19 28.32
C ARG C 19 -13.72 -17.97 27.05
N SER C 20 -12.72 -18.73 26.61
CA SER C 20 -12.89 -19.59 25.44
C SER C 20 -13.92 -20.67 25.69
N ALA C 21 -13.91 -21.26 26.88
CA ALA C 21 -15.00 -22.12 27.29
C ALA C 21 -16.27 -21.33 27.56
N LYS C 22 -16.16 -20.07 27.97
CA LYS C 22 -17.33 -19.25 28.27
C LYS C 22 -18.04 -18.75 27.03
N ALA C 23 -17.46 -18.94 25.85
CA ALA C 23 -18.14 -18.67 24.60
C ALA C 23 -18.13 -19.82 23.62
N GLY C 24 -17.52 -20.96 23.96
CA GLY C 24 -17.47 -22.09 23.06
C GLY C 24 -16.48 -21.97 21.93
N LEU C 25 -15.35 -21.32 22.15
CA LEU C 25 -14.39 -21.08 21.07
C LEU C 25 -13.17 -21.96 21.25
N THR C 26 -12.51 -22.29 20.14
CA THR C 26 -11.31 -23.11 20.16
C THR C 26 -10.07 -22.23 20.11
N PHE C 27 -10.23 -20.94 19.85
CA PHE C 27 -9.13 -20.01 19.72
C PHE C 27 -9.01 -19.16 20.98
N PRO C 28 -7.80 -18.84 21.42
CA PRO C 28 -7.65 -18.18 22.73
C PRO C 28 -8.06 -16.73 22.77
N VAL C 29 -9.13 -16.44 23.51
CA VAL C 29 -9.64 -15.07 23.62
C VAL C 29 -8.67 -14.22 24.43
N GLY C 30 -8.19 -14.76 25.55
CA GLY C 30 -7.33 -13.99 26.43
C GLY C 30 -5.99 -13.67 25.83
N ARG C 31 -5.47 -14.58 24.99
CA ARG C 31 -4.23 -14.33 24.28
C ARG C 31 -4.36 -13.18 23.31
N VAL C 32 -5.49 -13.12 22.62
CA VAL C 32 -5.76 -12.01 21.70
C VAL C 32 -5.96 -10.72 22.47
N HIS C 33 -6.65 -10.81 23.61
CA HIS C 33 -6.94 -9.63 24.41
C HIS C 33 -5.68 -9.05 25.03
N ARG C 34 -4.72 -9.91 25.37
CA ARG C 34 -3.41 -9.43 25.76
C ARG C 34 -2.65 -8.90 24.56
N LEU C 35 -2.82 -9.52 23.39
CA LEU C 35 -1.94 -9.26 22.27
C LEU C 35 -2.25 -7.92 21.62
N LEU C 36 -3.52 -7.55 21.47
CA LEU C 36 -3.78 -6.28 20.80
C LEU C 36 -3.52 -5.11 21.72
N ARG C 37 -3.51 -5.33 23.02
CA ARG C 37 -3.05 -4.32 23.95
C ARG C 37 -1.58 -4.02 23.78
N ARG C 38 -0.80 -5.00 23.34
CA ARG C 38 0.62 -4.82 23.05
C ARG C 38 0.84 -4.33 21.62
N GLY C 39 0.10 -3.31 21.19
CA GLY C 39 0.34 -2.70 19.91
C GLY C 39 0.06 -1.21 19.87
N ASN C 40 -0.42 -0.67 20.99
CA ASN C 40 -0.86 0.72 21.14
C ASN C 40 -1.86 1.11 20.05
N TYR C 41 -2.85 0.25 19.85
CA TYR C 41 -3.76 0.43 18.72
C TYR C 41 -4.77 1.53 19.02
N ALA C 42 -5.14 1.70 20.29
CA ALA C 42 -5.94 2.83 20.74
C ALA C 42 -5.62 3.03 22.21
N GLN C 43 -6.36 3.93 22.84
CA GLN C 43 -6.16 4.17 24.25
C GLN C 43 -6.67 3.02 25.11
N ARG C 44 -7.89 2.55 24.84
CA ARG C 44 -8.54 1.53 25.65
C ARG C 44 -9.00 0.40 24.75
N ILE C 45 -9.12 -0.80 25.33
CA ILE C 45 -9.68 -1.93 24.61
C ILE C 45 -11.00 -2.32 25.25
N GLY C 46 -12.04 -2.42 24.44
CA GLY C 46 -13.34 -2.81 24.95
C GLY C 46 -13.41 -4.28 25.29
N SER C 47 -14.54 -4.66 25.87
CA SER C 47 -14.70 -6.00 26.43
C SER C 47 -14.97 -7.06 25.37
N GLY C 48 -16.04 -6.90 24.60
CA GLY C 48 -16.45 -7.97 23.70
C GLY C 48 -15.67 -8.03 22.40
N ALA C 49 -14.85 -7.03 22.13
CA ALA C 49 -14.09 -6.99 20.88
C ALA C 49 -13.09 -8.14 20.70
N PRO C 50 -12.28 -8.57 21.70
CA PRO C 50 -11.45 -9.76 21.47
C PRO C 50 -12.24 -11.03 21.21
N VAL C 51 -13.41 -11.14 21.85
CA VAL C 51 -14.32 -12.26 21.58
C VAL C 51 -14.79 -12.20 20.13
N TYR C 52 -15.08 -10.99 19.65
CA TYR C 52 -15.56 -10.82 18.28
C TYR C 52 -14.47 -11.22 17.28
N LEU C 53 -13.22 -10.81 17.55
CA LEU C 53 -12.10 -11.24 16.72
C LEU C 53 -11.92 -12.75 16.72
N THR C 54 -12.03 -13.35 17.91
CA THR C 54 -11.85 -14.80 18.05
C THR C 54 -12.89 -15.56 17.25
N ALA C 55 -14.14 -15.07 17.28
CA ALA C 55 -15.21 -15.67 16.50
C ALA C 55 -14.95 -15.56 15.01
N VAL C 56 -14.50 -14.38 14.56
CA VAL C 56 -14.23 -14.16 13.14
C VAL C 56 -13.10 -15.05 12.66
N LEU C 57 -12.02 -15.13 13.44
CA LEU C 57 -10.88 -15.95 13.06
C LEU C 57 -11.22 -17.43 13.07
N GLU C 58 -12.04 -17.85 14.02
CA GLU C 58 -12.46 -19.25 14.08
C GLU C 58 -13.32 -19.61 12.87
N TYR C 59 -14.23 -18.71 12.49
CA TYR C 59 -15.07 -18.96 11.33
C TYR C 59 -14.24 -19.01 10.04
N LEU C 60 -13.26 -18.12 9.93
CA LEU C 60 -12.44 -18.09 8.72
C LEU C 60 -11.56 -19.32 8.63
N ALA C 61 -11.03 -19.77 9.77
CA ALA C 61 -10.25 -20.99 9.80
C ALA C 61 -11.11 -22.19 9.44
N ALA C 62 -12.35 -22.21 9.92
CA ALA C 62 -13.28 -23.30 9.57
C ALA C 62 -13.58 -23.31 8.08
N GLU C 63 -13.77 -22.13 7.51
CA GLU C 63 -14.05 -22.01 6.08
C GLU C 63 -12.90 -22.52 5.24
N ILE C 64 -11.68 -22.08 5.57
CA ILE C 64 -10.54 -22.47 4.76
C ILE C 64 -10.19 -23.93 4.97
N LEU C 65 -10.51 -24.49 6.15
CA LEU C 65 -10.24 -25.90 6.37
C LEU C 65 -11.26 -26.78 5.66
N GLU C 66 -12.51 -26.31 5.55
CA GLU C 66 -13.49 -26.97 4.67
C GLU C 66 -12.98 -27.03 3.24
N LEU C 67 -12.57 -25.87 2.72
CA LEU C 67 -12.22 -25.81 1.31
C LEU C 67 -10.90 -26.53 1.04
N ALA C 68 -10.03 -26.61 2.03
CA ALA C 68 -8.82 -27.40 1.92
C ALA C 68 -9.10 -28.89 2.00
N GLY C 69 -9.98 -29.31 2.92
CA GLY C 69 -10.22 -30.73 3.10
C GLY C 69 -10.97 -31.35 1.93
N ASN C 70 -11.72 -30.51 1.20
CA ASN C 70 -12.33 -30.97 -0.05
C ASN C 70 -11.27 -31.43 -1.05
N ALA C 71 -10.27 -30.59 -1.31
CA ALA C 71 -9.20 -30.95 -2.24
C ALA C 71 -8.33 -32.07 -1.67
N ALA C 72 -8.18 -32.08 -0.35
CA ALA C 72 -7.38 -33.10 0.32
C ALA C 72 -7.98 -34.48 0.14
N ARG C 73 -9.29 -34.59 0.30
CA ARG C 73 -9.98 -35.85 -0.01
C ARG C 73 -9.89 -36.16 -1.50
N ASP C 74 -10.12 -35.14 -2.34
CA ASP C 74 -10.32 -35.39 -3.76
C ASP C 74 -9.02 -35.75 -4.48
N ASN C 75 -7.87 -35.46 -3.89
CA ASN C 75 -6.62 -35.92 -4.48
C ASN C 75 -6.11 -37.19 -3.82
N LYS C 76 -6.96 -37.84 -3.00
CA LYS C 76 -6.66 -39.09 -2.29
C LYS C 76 -5.42 -38.94 -1.42
N LYS C 77 -5.41 -37.92 -0.59
CA LYS C 77 -4.26 -37.61 0.25
C LYS C 77 -4.76 -37.44 1.68
N THR C 78 -3.87 -37.63 2.63
CA THR C 78 -4.19 -37.40 4.03
C THR C 78 -3.53 -36.16 4.58
N ARG C 79 -2.21 -36.03 4.41
CA ARG C 79 -1.51 -34.82 4.81
C ARG C 79 -1.81 -33.70 3.82
N ILE C 80 -2.27 -32.58 4.34
CA ILE C 80 -2.58 -31.44 3.49
C ILE C 80 -1.28 -30.78 3.06
N ILE C 81 -1.05 -30.73 1.76
CA ILE C 81 0.15 -30.13 1.19
C ILE C 81 -0.28 -28.80 0.58
N PRO C 82 0.62 -27.80 0.47
CA PRO C 82 0.16 -26.44 0.11
C PRO C 82 -0.39 -26.29 -1.29
N ARG C 83 -0.12 -27.23 -2.19
CA ARG C 83 -0.75 -27.20 -3.51
C ARG C 83 -2.25 -27.44 -3.36
N HIS C 84 -2.64 -28.39 -2.50
CA HIS C 84 -4.03 -28.60 -2.16
C HIS C 84 -4.63 -27.40 -1.44
N LEU C 85 -3.78 -26.61 -0.79
CA LEU C 85 -4.26 -25.37 -0.18
C LEU C 85 -4.50 -24.29 -1.24
N GLN C 86 -3.61 -24.18 -2.22
CA GLN C 86 -3.80 -23.13 -3.22
C GLN C 86 -4.95 -23.44 -4.16
N LEU C 87 -5.31 -24.72 -4.30
CA LEU C 87 -6.60 -25.03 -4.93
C LEU C 87 -7.76 -24.43 -4.12
N ALA C 88 -7.64 -24.43 -2.80
CA ALA C 88 -8.72 -23.88 -1.99
C ALA C 88 -8.74 -22.36 -2.01
N ILE C 89 -7.58 -21.71 -1.99
CA ILE C 89 -7.55 -20.26 -1.94
C ILE C 89 -8.05 -19.66 -3.25
N ARG C 90 -7.72 -20.28 -4.37
CA ARG C 90 -7.98 -19.72 -5.69
C ARG C 90 -9.34 -20.13 -6.24
N ASN C 91 -10.28 -20.50 -5.39
CA ASN C 91 -11.58 -20.93 -5.88
C ASN C 91 -12.73 -20.07 -5.38
N ASP C 92 -12.86 -19.89 -4.06
CA ASP C 92 -13.92 -19.03 -3.53
C ASP C 92 -13.66 -17.60 -3.91
N ASP C 93 -14.54 -17.05 -4.76
CA ASP C 93 -14.29 -15.76 -5.38
C ASP C 93 -14.31 -14.63 -4.37
N GLU C 94 -15.10 -14.76 -3.31
CA GLU C 94 -15.02 -13.78 -2.24
C GLU C 94 -13.71 -13.91 -1.48
N LEU C 95 -13.29 -15.15 -1.22
CA LEU C 95 -12.04 -15.37 -0.52
C LEU C 95 -10.85 -15.07 -1.40
N ASN C 96 -10.91 -15.51 -2.66
CA ASN C 96 -9.82 -15.20 -3.60
C ASN C 96 -9.76 -13.72 -3.92
N LYS C 97 -10.89 -13.03 -3.89
CA LYS C 97 -10.92 -11.58 -3.99
C LYS C 97 -10.29 -10.93 -2.76
N LEU C 98 -10.60 -11.46 -1.59
CA LEU C 98 -9.98 -10.96 -0.36
C LEU C 98 -8.49 -11.30 -0.34
N LEU C 99 -8.15 -12.52 -0.73
CA LEU C 99 -6.76 -12.93 -0.83
C LEU C 99 -6.27 -12.85 -2.26
N GLY C 100 -6.33 -11.65 -2.82
CA GLY C 100 -5.85 -11.45 -4.17
C GLY C 100 -4.34 -11.37 -4.23
N ASN C 101 -3.74 -10.54 -3.38
CA ASN C 101 -2.31 -10.26 -3.42
C ASN C 101 -1.66 -11.08 -2.32
N VAL C 102 -1.49 -12.37 -2.59
CA VAL C 102 -0.84 -13.27 -1.65
C VAL C 102 0.07 -14.16 -2.47
N THR C 103 1.04 -14.74 -1.80
CA THR C 103 1.93 -15.70 -2.43
C THR C 103 2.16 -16.86 -1.47
N ILE C 104 2.24 -18.07 -1.99
CA ILE C 104 2.41 -19.25 -1.16
C ILE C 104 3.55 -20.07 -1.71
N ALA C 105 4.49 -20.40 -0.83
CA ALA C 105 5.66 -21.16 -1.25
C ALA C 105 5.26 -22.59 -1.58
N GLN C 106 5.78 -23.09 -2.71
CA GLN C 106 5.37 -24.35 -3.33
C GLN C 106 3.87 -24.41 -3.58
N GLY C 107 3.26 -23.27 -3.88
CA GLY C 107 1.82 -23.25 -4.08
C GLY C 107 1.37 -23.85 -5.39
N GLY C 108 2.07 -23.57 -6.48
CA GLY C 108 1.62 -24.02 -7.77
C GLY C 108 0.92 -22.92 -8.55
N VAL C 109 0.21 -23.33 -9.60
CA VAL C 109 -0.54 -22.42 -10.44
C VAL C 109 -1.96 -22.94 -10.57
N LEU C 110 -2.85 -22.03 -10.92
CA LEU C 110 -4.20 -22.43 -11.27
C LEU C 110 -4.17 -23.16 -12.61
N PRO C 111 -4.75 -24.35 -12.72
CA PRO C 111 -4.81 -25.02 -14.02
C PRO C 111 -5.82 -24.36 -14.94
N ASN C 112 -5.33 -23.56 -15.91
CA ASN C 112 -6.17 -22.91 -16.92
C ASN C 112 -5.31 -22.59 -18.15
N ILE C 113 -5.80 -23.04 -19.31
CA ILE C 113 -5.12 -22.78 -20.57
C ILE C 113 -6.14 -22.30 -21.62
N HIS C 114 -5.65 -21.96 -22.81
CA HIS C 114 -6.50 -21.61 -23.94
C HIS C 114 -6.47 -22.77 -24.93
N GLN C 115 -7.10 -22.57 -26.07
CA GLN C 115 -7.16 -23.60 -27.10
C GLN C 115 -6.27 -23.26 -28.29
N ARG D 37 11.12 -18.03 22.03
CA ARG D 37 10.12 -19.08 21.88
C ARG D 37 9.22 -18.82 20.68
N LYS D 38 8.35 -19.77 20.37
CA LYS D 38 7.51 -19.71 19.19
C LYS D 38 6.05 -19.60 19.61
N GLU D 39 5.36 -18.58 19.09
CA GLU D 39 3.95 -18.35 19.42
C GLU D 39 3.09 -18.88 18.29
N THR D 40 3.03 -20.20 18.17
CA THR D 40 2.27 -20.84 17.10
C THR D 40 0.81 -20.91 17.49
N TYR D 41 -0.03 -21.27 16.52
CA TYR D 41 -1.44 -21.50 16.78
C TYR D 41 -1.77 -22.97 16.60
N SER D 42 -0.75 -23.82 16.73
CA SER D 42 -0.79 -25.18 16.19
C SER D 42 -1.78 -26.07 16.92
N SER D 43 -1.82 -25.97 18.25
CA SER D 43 -2.75 -26.77 19.03
C SER D 43 -4.19 -26.38 18.73
N TYR D 44 -4.45 -25.08 18.63
CA TYR D 44 -5.77 -24.57 18.32
C TYR D 44 -6.20 -25.01 16.93
N ILE D 45 -5.28 -24.89 15.96
CA ILE D 45 -5.58 -25.23 14.57
C ILE D 45 -5.82 -26.72 14.44
N TYR D 46 -4.99 -27.53 15.09
CA TYR D 46 -5.11 -28.98 14.99
C TYR D 46 -6.36 -29.48 15.69
N LYS D 47 -6.82 -28.76 16.71
CA LYS D 47 -8.08 -29.15 17.33
C LYS D 47 -9.28 -28.62 16.54
N VAL D 48 -9.09 -27.56 15.76
CA VAL D 48 -10.15 -27.11 14.85
C VAL D 48 -10.34 -28.10 13.71
N LEU D 49 -9.25 -28.64 13.16
CA LEU D 49 -9.35 -29.50 11.98
C LEU D 49 -10.06 -30.82 12.26
N LYS D 50 -10.08 -31.26 13.51
CA LYS D 50 -10.79 -32.49 13.85
C LYS D 50 -12.31 -32.30 13.84
N GLN D 51 -12.79 -31.06 13.88
CA GLN D 51 -14.23 -30.80 13.90
C GLN D 51 -14.92 -31.26 12.63
N THR D 52 -14.27 -31.04 11.49
CA THR D 52 -14.88 -31.37 10.20
C THR D 52 -14.27 -32.61 9.57
N HIS D 53 -12.95 -32.63 9.41
CA HIS D 53 -12.26 -33.77 8.79
C HIS D 53 -11.34 -34.38 9.83
N PRO D 54 -11.84 -35.34 10.60
CA PRO D 54 -11.07 -35.84 11.75
C PRO D 54 -9.98 -36.84 11.39
N ASP D 55 -9.87 -37.17 10.09
CA ASP D 55 -8.88 -38.13 9.65
C ASP D 55 -7.74 -37.50 8.87
N THR D 56 -7.94 -36.31 8.31
CA THR D 56 -6.95 -35.70 7.44
C THR D 56 -5.74 -35.25 8.25
N GLY D 57 -4.56 -35.28 7.62
CA GLY D 57 -3.35 -34.86 8.28
C GLY D 57 -2.89 -33.50 7.79
N ILE D 58 -1.91 -32.91 8.46
CA ILE D 58 -1.48 -31.56 8.15
C ILE D 58 0.04 -31.54 8.02
N SER D 59 0.54 -30.55 7.30
CA SER D 59 1.97 -30.33 7.18
C SER D 59 2.40 -29.17 8.05
N GLN D 60 3.62 -29.27 8.57
CA GLN D 60 4.19 -28.21 9.41
C GLN D 60 4.34 -26.92 8.63
N LYS D 61 4.80 -27.02 7.38
CA LYS D 61 4.92 -25.83 6.54
C LYS D 61 3.54 -25.28 6.22
N SER D 62 2.57 -26.16 5.97
CA SER D 62 1.19 -25.75 5.79
C SER D 62 0.62 -25.11 7.05
N MET D 63 1.02 -25.64 8.22
CA MET D 63 0.64 -25.05 9.49
C MET D 63 1.14 -23.62 9.60
N SER D 64 2.40 -23.41 9.19
CA SER D 64 2.98 -22.07 9.16
C SER D 64 2.22 -21.16 8.20
N ILE D 65 1.75 -21.72 7.07
CA ILE D 65 1.07 -20.94 6.05
C ILE D 65 -0.22 -20.34 6.60
N LEU D 66 -1.07 -21.18 7.18
CA LEU D 66 -2.35 -20.61 7.59
C LEU D 66 -2.21 -19.87 8.92
N ASN D 67 -1.17 -20.19 9.71
CA ASN D 67 -0.91 -19.39 10.91
C ASN D 67 -0.52 -17.96 10.54
N SER D 68 0.36 -17.81 9.54
CA SER D 68 0.71 -16.49 9.05
C SER D 68 -0.49 -15.79 8.43
N PHE D 69 -1.35 -16.56 7.76
CA PHE D 69 -2.56 -15.98 7.17
C PHE D 69 -3.50 -15.44 8.25
N VAL D 70 -3.64 -16.19 9.35
CA VAL D 70 -4.47 -15.77 10.47
C VAL D 70 -3.92 -14.49 11.09
N ASN D 71 -2.60 -14.43 11.27
CA ASN D 71 -1.98 -13.21 11.79
C ASN D 71 -2.18 -12.04 10.84
N ASP D 72 -2.16 -12.30 9.53
CA ASP D 72 -2.38 -11.27 8.53
C ASP D 72 -3.78 -10.68 8.65
N ILE D 73 -4.79 -11.55 8.73
CA ILE D 73 -6.17 -11.05 8.80
C ILE D 73 -6.40 -10.32 10.12
N PHE D 74 -5.78 -10.81 11.20
CA PHE D 74 -5.91 -10.17 12.50
C PHE D 74 -5.31 -8.78 12.47
N GLU D 75 -4.12 -8.63 11.88
CA GLU D 75 -3.49 -7.33 11.76
C GLU D 75 -4.29 -6.39 10.88
N ARG D 76 -4.85 -6.91 9.78
CA ARG D 76 -5.63 -6.09 8.86
C ARG D 76 -6.86 -5.52 9.54
N ILE D 77 -7.63 -6.38 10.22
CA ILE D 77 -8.86 -5.96 10.86
C ILE D 77 -8.58 -5.03 12.02
N ALA D 78 -7.54 -5.32 12.81
CA ALA D 78 -7.24 -4.49 13.96
C ALA D 78 -6.72 -3.13 13.54
N THR D 79 -5.89 -3.07 12.49
CA THR D 79 -5.39 -1.82 11.97
C THR D 79 -6.52 -0.96 11.40
N GLU D 80 -7.42 -1.59 10.64
CA GLU D 80 -8.58 -0.89 10.11
C GLU D 80 -9.47 -0.36 11.21
N ALA D 81 -9.69 -1.17 12.26
CA ALA D 81 -10.51 -0.73 13.37
C ALA D 81 -9.88 0.43 14.12
N SER D 82 -8.54 0.41 14.24
CA SER D 82 -7.83 1.48 14.91
C SER D 82 -7.95 2.79 14.15
N LYS D 83 -7.86 2.74 12.81
CA LYS D 83 -7.96 3.95 12.01
C LYS D 83 -9.33 4.60 12.12
N LEU D 84 -10.40 3.79 12.08
CA LEU D 84 -11.74 4.35 12.19
C LEU D 84 -12.04 4.78 13.61
N ALA D 85 -11.40 4.13 14.60
CA ALA D 85 -11.58 4.56 15.98
C ALA D 85 -10.93 5.92 16.21
N ALA D 86 -9.74 6.12 15.66
CA ALA D 86 -9.09 7.42 15.78
C ALA D 86 -9.77 8.46 14.90
N TYR D 87 -10.51 8.00 13.89
CA TYR D 87 -11.32 8.91 13.10
C TYR D 87 -12.47 9.51 13.90
N ASN D 88 -13.24 8.69 14.60
CA ASN D 88 -14.42 9.21 15.27
C ASN D 88 -14.14 9.68 16.68
N LYS D 89 -12.88 10.00 16.99
CA LYS D 89 -12.46 10.66 18.23
C LYS D 89 -12.81 9.81 19.46
N LYS D 90 -12.74 8.49 19.28
CA LYS D 90 -13.02 7.56 20.34
C LYS D 90 -11.71 6.98 20.87
N SER D 91 -11.70 6.68 22.16
CA SER D 91 -10.49 6.17 22.80
C SER D 91 -10.53 4.67 23.02
N THR D 92 -11.67 4.03 22.82
CA THR D 92 -11.77 2.61 23.08
C THR D 92 -12.24 1.88 21.84
N ILE D 93 -12.04 0.58 21.83
CA ILE D 93 -12.38 -0.28 20.70
C ILE D 93 -13.45 -1.25 21.17
N SER D 94 -14.71 -0.89 20.95
CA SER D 94 -15.82 -1.78 21.27
C SER D 94 -16.02 -2.78 20.14
N ALA D 95 -16.99 -3.67 20.31
CA ALA D 95 -17.29 -4.63 19.26
C ALA D 95 -18.08 -4.02 18.12
N ARG D 96 -18.66 -2.83 18.32
CA ARG D 96 -19.28 -2.08 17.23
C ARG D 96 -18.27 -1.76 16.14
N GLU D 97 -17.09 -1.31 16.53
CA GLU D 97 -16.05 -0.97 15.58
C GLU D 97 -15.51 -2.20 14.87
N ILE D 98 -15.42 -3.31 15.59
CA ILE D 98 -14.99 -4.57 14.98
C ILE D 98 -16.03 -5.05 13.99
N GLN D 99 -17.31 -4.82 14.32
CA GLN D 99 -18.39 -5.19 13.41
C GLN D 99 -18.32 -4.40 12.10
N THR D 100 -17.93 -3.13 12.20
CA THR D 100 -17.69 -2.34 10.99
C THR D 100 -16.48 -2.86 10.21
N ALA D 101 -15.38 -3.16 10.91
CA ALA D 101 -14.14 -3.52 10.24
C ALA D 101 -14.21 -4.88 9.58
N VAL D 102 -14.88 -5.85 10.19
CA VAL D 102 -15.09 -7.14 9.56
C VAL D 102 -16.02 -6.99 8.36
N ARG D 103 -16.99 -6.08 8.46
CA ARG D 103 -17.87 -5.81 7.31
C ARG D 103 -17.18 -5.10 6.17
N LEU D 104 -16.00 -4.53 6.38
CA LEU D 104 -15.32 -3.91 5.25
C LEU D 104 -14.12 -4.70 4.73
N ILE D 105 -13.36 -5.36 5.60
CA ILE D 105 -12.26 -6.20 5.15
C ILE D 105 -12.76 -7.45 4.45
N LEU D 106 -13.71 -8.15 5.05
CA LEU D 106 -14.28 -9.31 4.39
C LEU D 106 -15.26 -8.86 3.30
N PRO D 107 -15.21 -9.49 2.13
CA PRO D 107 -16.12 -9.10 1.05
C PRO D 107 -17.40 -9.92 1.00
N GLY D 108 -18.52 -9.21 0.79
CA GLY D 108 -19.82 -9.75 0.46
C GLY D 108 -20.40 -10.72 1.47
N GLU D 109 -20.82 -11.89 0.97
CA GLU D 109 -21.46 -12.87 1.84
C GLU D 109 -20.49 -13.55 2.77
N LEU D 110 -19.19 -13.51 2.48
CA LEU D 110 -18.22 -13.92 3.49
C LEU D 110 -18.25 -12.99 4.70
N ALA D 111 -18.44 -11.70 4.47
CA ALA D 111 -18.67 -10.78 5.58
C ALA D 111 -19.99 -11.05 6.25
N LYS D 112 -21.04 -11.31 5.47
CA LYS D 112 -22.37 -11.48 6.03
C LYS D 112 -22.50 -12.79 6.80
N HIS D 113 -21.65 -13.77 6.52
CA HIS D 113 -21.63 -14.99 7.31
C HIS D 113 -20.53 -14.97 8.35
N ALA D 114 -19.79 -13.87 8.45
CA ALA D 114 -18.87 -13.70 9.57
C ALA D 114 -19.45 -12.80 10.63
N VAL D 115 -20.32 -11.86 10.23
CA VAL D 115 -21.04 -10.99 11.17
C VAL D 115 -21.94 -11.80 12.08
N SER D 116 -22.68 -12.75 11.51
CA SER D 116 -23.60 -13.57 12.30
C SER D 116 -22.85 -14.48 13.27
N GLU D 117 -21.76 -15.09 12.80
CA GLU D 117 -20.92 -15.89 13.67
C GLU D 117 -20.25 -15.03 14.73
N GLY D 118 -19.87 -13.80 14.36
CA GLY D 118 -19.31 -12.89 15.33
C GLY D 118 -20.31 -12.46 16.39
N THR D 119 -21.53 -12.12 15.98
CA THR D 119 -22.49 -11.61 16.95
C THR D 119 -23.15 -12.73 17.74
N ARG D 120 -22.96 -13.99 17.33
CA ARG D 120 -23.50 -15.10 18.10
C ARG D 120 -22.71 -15.32 19.39
N ALA D 121 -21.38 -15.35 19.28
CA ALA D 121 -20.54 -15.77 20.39
C ALA D 121 -20.54 -14.74 21.51
N VAL D 122 -20.71 -13.46 21.17
CA VAL D 122 -20.71 -12.42 22.19
C VAL D 122 -21.97 -12.51 23.06
N THR D 123 -23.11 -12.84 22.45
CA THR D 123 -24.33 -12.98 23.24
C THR D 123 -24.32 -14.28 24.03
N LYS D 124 -23.70 -15.33 23.51
CA LYS D 124 -23.53 -16.54 24.31
C LYS D 124 -22.61 -16.29 25.49
N TYR D 125 -21.53 -15.53 25.28
CA TYR D 125 -20.61 -15.15 26.33
C TYR D 125 -21.26 -14.27 27.39
N SER D 126 -22.07 -13.29 26.98
CA SER D 126 -22.74 -12.39 27.89
C SER D 126 -23.76 -13.09 28.78
N SER D 127 -24.54 -14.00 28.23
CA SER D 127 -25.50 -14.77 29.00
C SER D 127 -24.87 -16.01 29.62
N SER D 128 -23.82 -15.84 30.40
CA SER D 128 -23.12 -16.96 31.00
C SER D 128 -22.69 -16.62 32.43
N GLY E 45 5.39 -28.73 -34.67
CA GLY E 45 4.93 -28.55 -33.30
C GLY E 45 4.44 -29.84 -32.68
N THR E 46 5.34 -30.81 -32.53
CA THR E 46 5.00 -32.11 -31.97
C THR E 46 4.69 -32.04 -30.48
N VAL E 47 5.53 -31.34 -29.71
CA VAL E 47 5.28 -31.20 -28.28
C VAL E 47 5.06 -29.74 -27.89
N ALA E 48 3.80 -29.38 -27.66
CA ALA E 48 3.46 -28.05 -27.18
C ALA E 48 2.38 -28.05 -26.11
N LEU E 49 1.51 -29.06 -26.07
CA LEU E 49 0.38 -29.06 -25.15
C LEU E 49 0.35 -30.21 -24.17
N ARG E 50 0.99 -31.36 -24.46
CA ARG E 50 1.05 -32.42 -23.47
C ARG E 50 2.13 -32.17 -22.42
N GLU E 51 3.03 -31.22 -22.66
CA GLU E 51 4.06 -30.87 -21.70
C GLU E 51 3.77 -29.56 -20.98
N ILE E 52 2.94 -28.68 -21.54
CA ILE E 52 2.59 -27.42 -20.91
C ILE E 52 1.79 -27.65 -19.62
N ARG E 53 1.14 -28.80 -19.49
CA ARG E 53 0.43 -29.17 -18.28
C ARG E 53 1.24 -30.12 -17.41
N ARG E 54 2.34 -30.67 -17.96
CA ARG E 54 3.20 -31.58 -17.21
C ARG E 54 3.88 -30.86 -16.05
N PHE E 55 4.37 -29.65 -16.27
CA PHE E 55 5.02 -28.91 -15.20
C PHE E 55 4.07 -27.98 -14.45
N GLN E 56 2.81 -27.90 -14.88
CA GLN E 56 1.78 -27.26 -14.08
C GLN E 56 1.38 -28.10 -12.88
N LYS E 57 1.76 -29.38 -12.87
CA LYS E 57 1.51 -30.26 -11.74
C LYS E 57 2.74 -30.31 -10.83
N SER E 58 3.93 -30.39 -11.43
CA SER E 58 5.17 -30.54 -10.69
C SER E 58 5.58 -29.17 -10.15
N THR E 59 5.01 -28.79 -9.02
CA THR E 59 5.34 -27.53 -8.36
C THR E 59 6.67 -27.71 -7.65
N GLU E 60 7.70 -27.06 -8.17
CA GLU E 60 9.04 -27.09 -7.58
C GLU E 60 9.67 -25.72 -7.79
N LEU E 61 10.93 -25.58 -7.40
CA LEU E 61 11.73 -24.43 -7.77
C LEU E 61 12.33 -24.74 -9.14
N LEU E 62 12.02 -23.87 -10.11
CA LEU E 62 12.36 -24.18 -11.49
C LEU E 62 13.66 -23.50 -11.92
N ILE E 63 13.84 -22.25 -11.50
CA ILE E 63 15.10 -21.56 -11.71
C ILE E 63 16.17 -22.24 -10.87
N ARG E 64 17.26 -22.64 -11.52
CA ARG E 64 18.30 -23.39 -10.83
C ARG E 64 19.02 -22.48 -9.84
N LYS E 65 19.22 -23.00 -8.63
CA LYS E 65 19.40 -22.14 -7.46
C LYS E 65 20.78 -21.52 -7.39
N LEU E 66 21.81 -22.22 -7.86
CA LEU E 66 23.17 -21.69 -7.76
C LEU E 66 23.43 -20.43 -8.57
N PRO E 67 23.12 -20.32 -9.87
CA PRO E 67 23.35 -19.03 -10.54
C PRO E 67 22.43 -17.93 -10.05
N PHE E 68 21.25 -18.28 -9.55
CA PHE E 68 20.38 -17.34 -8.87
C PHE E 68 21.04 -16.78 -7.62
N GLN E 69 21.69 -17.66 -6.85
CA GLN E 69 22.37 -17.23 -5.63
C GLN E 69 23.57 -16.36 -5.96
N ARG E 70 24.33 -16.72 -6.99
CA ARG E 70 25.47 -15.90 -7.37
C ARG E 70 25.04 -14.54 -7.89
N LEU E 71 23.93 -14.51 -8.64
CA LEU E 71 23.39 -13.24 -9.15
C LEU E 71 22.96 -12.34 -8.00
N VAL E 72 22.26 -12.91 -7.02
CA VAL E 72 21.79 -12.06 -5.93
C VAL E 72 22.94 -11.63 -5.04
N ARG E 73 23.99 -12.46 -4.92
CA ARG E 73 25.14 -12.04 -4.15
C ARG E 73 25.92 -10.95 -4.86
N GLU E 74 25.96 -11.00 -6.20
CA GLU E 74 26.65 -9.96 -6.96
C GLU E 74 25.90 -8.63 -6.90
N ILE E 75 24.57 -8.68 -7.00
CA ILE E 75 23.84 -7.42 -6.99
C ILE E 75 23.68 -6.90 -5.56
N ALA E 76 23.85 -7.77 -4.56
CA ALA E 76 24.01 -7.25 -3.20
C ALA E 76 25.38 -6.63 -3.01
N GLN E 77 26.39 -7.19 -3.68
CA GLN E 77 27.74 -6.66 -3.64
C GLN E 77 27.83 -5.30 -4.35
N ASP E 78 26.89 -5.02 -5.24
CA ASP E 78 26.81 -3.69 -5.81
C ASP E 78 26.33 -2.66 -4.79
N PHE E 79 25.65 -3.09 -3.73
CA PHE E 79 25.46 -2.26 -2.55
C PHE E 79 26.64 -2.43 -1.62
N LYS E 80 26.78 -1.49 -0.67
CA LYS E 80 28.05 -1.18 -0.03
C LYS E 80 28.64 -2.33 0.79
N THR E 81 27.80 -2.99 1.57
CA THR E 81 28.32 -3.96 2.53
C THR E 81 28.64 -5.29 1.86
N ASP E 82 29.63 -5.98 2.42
CA ASP E 82 29.94 -7.36 2.05
C ASP E 82 29.06 -8.30 2.88
N LEU E 83 27.80 -8.34 2.49
CA LEU E 83 26.72 -8.71 3.39
C LEU E 83 26.26 -10.13 3.10
N ARG E 84 26.42 -11.02 4.09
CA ARG E 84 26.05 -12.42 3.93
C ARG E 84 24.55 -12.61 4.11
N PHE E 85 24.10 -13.84 3.90
CA PHE E 85 22.67 -14.14 3.92
C PHE E 85 22.39 -15.38 4.74
N GLN E 86 21.17 -15.44 5.27
CA GLN E 86 20.61 -16.70 5.68
C GLN E 86 20.35 -17.57 4.45
N SER E 87 20.56 -18.87 4.61
CA SER E 87 20.41 -19.79 3.49
C SER E 87 18.96 -19.88 3.04
N SER E 88 18.04 -19.79 3.99
CA SER E 88 16.61 -19.78 3.70
C SER E 88 16.17 -18.53 2.95
N ALA E 89 16.89 -17.42 3.10
CA ALA E 89 16.48 -16.17 2.47
C ALA E 89 16.63 -16.23 0.95
N ILE E 90 17.52 -17.10 0.47
CA ILE E 90 17.68 -17.29 -0.97
C ILE E 90 16.40 -17.88 -1.57
N GLY E 91 15.90 -18.96 -0.97
CA GLY E 91 14.64 -19.52 -1.42
C GLY E 91 13.47 -18.59 -1.17
N ALA E 92 13.54 -17.82 -0.09
CA ALA E 92 12.52 -16.83 0.21
C ALA E 92 12.44 -15.76 -0.86
N LEU E 93 13.58 -15.40 -1.45
CA LEU E 93 13.54 -14.61 -2.67
C LEU E 93 12.97 -15.41 -3.83
N GLN E 94 13.46 -16.64 -4.00
CA GLN E 94 13.32 -17.37 -5.26
C GLN E 94 11.86 -17.69 -5.59
N GLU E 95 11.08 -18.05 -4.57
CA GLU E 95 9.65 -18.26 -4.80
C GLU E 95 8.92 -16.98 -5.21
N SER E 96 9.26 -15.85 -4.58
CA SER E 96 8.65 -14.58 -4.97
C SER E 96 9.05 -14.18 -6.38
N VAL E 97 10.32 -14.45 -6.72
CA VAL E 97 10.85 -14.18 -8.05
C VAL E 97 10.08 -14.96 -9.11
N GLU E 98 9.92 -16.26 -8.87
CA GLU E 98 9.21 -17.10 -9.81
C GLU E 98 7.74 -16.73 -9.87
N ALA E 99 7.17 -16.27 -8.76
CA ALA E 99 5.77 -15.85 -8.75
C ALA E 99 5.56 -14.61 -9.62
N TYR E 100 6.45 -13.62 -9.46
CA TYR E 100 6.39 -12.43 -10.31
C TYR E 100 6.60 -12.76 -11.77
N LEU E 101 7.53 -13.68 -12.05
CA LEU E 101 7.86 -13.98 -13.43
C LEU E 101 6.73 -14.75 -14.11
N VAL E 102 6.11 -15.68 -13.38
CA VAL E 102 4.95 -16.41 -13.90
C VAL E 102 3.77 -15.46 -14.10
N SER E 103 3.58 -14.52 -13.19
CA SER E 103 2.48 -13.56 -13.33
C SER E 103 2.66 -12.69 -14.58
N LEU E 104 3.87 -12.21 -14.81
CA LEU E 104 4.09 -11.40 -16.01
C LEU E 104 4.01 -12.25 -17.27
N PHE E 105 4.47 -13.50 -17.21
CA PHE E 105 4.32 -14.43 -18.33
C PHE E 105 2.86 -14.60 -18.73
N GLU E 106 2.01 -14.88 -17.74
CA GLU E 106 0.60 -15.12 -18.02
C GLU E 106 -0.09 -13.86 -18.53
N ASP E 107 0.29 -12.71 -17.97
CA ASP E 107 -0.33 -11.45 -18.39
C ASP E 107 0.04 -11.11 -19.83
N THR E 108 1.32 -11.25 -20.18
CA THR E 108 1.71 -10.93 -21.55
C THR E 108 1.23 -12.00 -22.53
N ASN E 109 1.02 -13.23 -22.04
CA ASN E 109 0.37 -14.25 -22.87
C ASN E 109 -1.04 -13.85 -23.23
N LEU E 110 -1.80 -13.37 -22.26
CA LEU E 110 -3.19 -13.05 -22.54
C LEU E 110 -3.26 -11.80 -23.41
N ALA E 111 -2.30 -10.89 -23.22
CA ALA E 111 -2.16 -9.73 -24.11
C ALA E 111 -1.86 -10.15 -25.54
N ALA E 112 -0.96 -11.11 -25.73
CA ALA E 112 -0.58 -11.51 -27.08
C ALA E 112 -1.69 -12.32 -27.74
N ILE E 113 -2.48 -13.05 -26.95
CA ILE E 113 -3.62 -13.75 -27.49
C ILE E 113 -4.67 -12.74 -27.95
N HIS E 114 -4.82 -11.64 -27.20
CA HIS E 114 -5.65 -10.55 -27.70
C HIS E 114 -5.05 -9.92 -28.95
N ALA E 115 -3.72 -9.95 -29.07
CA ALA E 115 -3.03 -9.41 -30.24
C ALA E 115 -3.11 -10.33 -31.46
N LYS E 116 -3.93 -11.39 -31.38
CA LYS E 116 -4.31 -12.24 -32.51
C LYS E 116 -3.11 -12.97 -33.11
N ARG E 117 -2.14 -13.26 -32.25
CA ARG E 117 -1.02 -14.11 -32.58
C ARG E 117 -0.82 -15.07 -31.41
N VAL E 118 0.02 -16.08 -31.61
CA VAL E 118 0.33 -17.03 -30.56
C VAL E 118 1.75 -16.91 -30.06
N THR E 119 2.52 -15.95 -30.57
CA THR E 119 3.91 -15.80 -30.20
C THR E 119 4.04 -14.54 -29.33
N ILE E 120 4.95 -14.58 -28.37
CA ILE E 120 5.23 -13.40 -27.55
C ILE E 120 6.50 -12.72 -28.05
N GLN E 121 6.37 -11.44 -28.34
CA GLN E 121 7.51 -10.57 -28.58
C GLN E 121 7.65 -9.63 -27.39
N LYS E 122 8.83 -9.04 -27.26
CA LYS E 122 9.09 -8.14 -26.14
C LYS E 122 8.24 -6.88 -26.17
N LYS E 123 7.70 -6.53 -27.34
CA LYS E 123 6.68 -5.50 -27.48
C LYS E 123 5.49 -5.75 -26.59
N ASP E 124 5.07 -6.99 -26.44
CA ASP E 124 3.97 -7.30 -25.53
C ASP E 124 4.38 -7.27 -24.08
N ILE E 125 5.61 -7.65 -23.74
CA ILE E 125 6.07 -7.58 -22.36
C ILE E 125 6.14 -6.14 -21.89
N LYS E 126 6.62 -5.25 -22.77
CA LYS E 126 6.66 -3.82 -22.44
C LYS E 126 5.25 -3.27 -22.23
N LEU E 127 4.30 -3.72 -23.06
CA LEU E 127 2.89 -3.38 -22.85
C LEU E 127 2.39 -3.86 -21.50
N ALA E 128 2.64 -5.13 -21.19
CA ALA E 128 2.08 -5.75 -20.01
C ALA E 128 2.65 -5.14 -18.74
N ARG E 129 3.93 -4.78 -18.75
CA ARG E 129 4.48 -4.09 -17.61
C ARG E 129 4.03 -2.64 -17.56
N ARG E 130 3.82 -1.99 -18.70
CA ARG E 130 3.49 -0.58 -18.70
C ARG E 130 2.05 -0.36 -18.22
N LEU E 131 1.14 -1.26 -18.56
CA LEU E 131 -0.24 -1.12 -18.14
C LEU E 131 -0.45 -1.47 -16.68
N ARG E 132 0.52 -2.15 -16.07
CA ARG E 132 0.36 -2.74 -14.76
C ARG E 132 0.90 -1.81 -13.67
N GLY E 133 1.17 -0.55 -14.00
CA GLY E 133 1.85 0.28 -13.03
C GLY E 133 3.29 0.57 -13.39
N GLU E 134 4.20 -0.21 -12.79
CA GLU E 134 5.64 0.06 -12.79
C GLU E 134 6.23 0.12 -14.19
N ARG E 135 7.45 0.64 -14.27
CA ARG E 135 8.16 0.78 -15.54
C ARG E 135 9.66 0.86 -15.29
N ARG F 24 31.90 -13.47 -18.21
CA ARG F 24 30.61 -14.10 -17.96
C ARG F 24 30.09 -13.79 -16.57
N ASP F 25 29.28 -12.74 -16.46
CA ASP F 25 28.63 -12.42 -15.19
C ASP F 25 27.39 -13.29 -14.99
N ASN F 26 26.73 -13.14 -13.84
CA ASN F 26 25.71 -14.09 -13.43
C ASN F 26 24.33 -13.76 -13.98
N ILE F 27 24.17 -12.63 -14.67
CA ILE F 27 22.88 -12.33 -15.30
C ILE F 27 22.63 -13.28 -16.46
N GLN F 28 23.69 -13.78 -17.08
CA GLN F 28 23.58 -14.85 -18.06
C GLN F 28 23.57 -16.22 -17.41
N GLY F 29 23.66 -16.28 -16.08
CA GLY F 29 23.44 -17.54 -15.39
C GLY F 29 22.01 -18.00 -15.46
N ILE F 30 21.08 -17.08 -15.72
CA ILE F 30 19.69 -17.41 -15.97
C ILE F 30 19.61 -17.98 -17.37
N THR F 31 19.55 -19.31 -17.48
CA THR F 31 19.66 -19.93 -18.78
C THR F 31 18.37 -19.81 -19.57
N LYS F 32 18.54 -19.74 -20.88
CA LYS F 32 17.43 -19.82 -21.82
C LYS F 32 16.55 -21.07 -21.65
N PRO F 33 17.08 -22.27 -21.35
CA PRO F 33 16.16 -23.35 -20.94
C PRO F 33 15.36 -23.06 -19.68
N ALA F 34 15.93 -22.33 -18.72
CA ALA F 34 15.18 -22.01 -17.52
C ALA F 34 14.05 -21.04 -17.82
N ILE F 35 14.31 -20.06 -18.69
CA ILE F 35 13.29 -19.10 -19.08
C ILE F 35 12.21 -19.79 -19.91
N ARG F 36 12.63 -20.71 -20.78
CA ARG F 36 11.69 -21.51 -21.57
C ARG F 36 10.87 -22.41 -20.67
N ARG F 37 11.48 -22.92 -19.60
CA ARG F 37 10.79 -23.81 -18.69
C ARG F 37 9.75 -23.06 -17.88
N LEU F 38 10.10 -21.87 -17.40
CA LEU F 38 9.13 -21.05 -16.69
C LEU F 38 8.06 -20.52 -17.64
N ALA F 39 8.43 -20.32 -18.90
CA ALA F 39 7.47 -19.96 -19.93
C ALA F 39 6.49 -21.09 -20.17
N ARG F 40 6.96 -22.34 -20.10
CA ARG F 40 6.09 -23.50 -20.16
C ARG F 40 5.12 -23.50 -18.99
N ARG F 41 5.61 -23.17 -17.80
CA ARG F 41 4.66 -23.02 -16.70
C ARG F 41 3.86 -21.75 -16.82
N GLY F 42 4.38 -20.75 -17.53
CA GLY F 42 3.65 -19.55 -17.81
C GLY F 42 2.45 -19.74 -18.69
N GLY F 43 2.55 -20.57 -19.73
CA GLY F 43 1.42 -20.76 -20.60
C GLY F 43 1.65 -20.33 -22.04
N VAL F 44 2.86 -20.53 -22.55
CA VAL F 44 3.18 -20.14 -23.92
C VAL F 44 3.87 -21.31 -24.61
N LYS F 45 3.90 -21.28 -25.95
CA LYS F 45 4.61 -22.28 -26.74
C LYS F 45 5.56 -21.65 -27.76
N ARG F 46 5.21 -20.48 -28.31
CA ARG F 46 6.10 -19.77 -29.22
C ARG F 46 6.61 -18.52 -28.52
N ILE F 47 7.93 -18.35 -28.52
CA ILE F 47 8.58 -17.17 -27.99
C ILE F 47 9.72 -16.77 -28.93
N SER F 48 10.14 -15.52 -28.80
CA SER F 48 11.28 -15.04 -29.59
C SER F 48 12.59 -15.39 -28.89
N GLY F 49 13.70 -14.92 -29.47
CA GLY F 49 15.00 -15.08 -28.84
C GLY F 49 15.42 -13.80 -28.17
N LEU F 50 14.69 -12.73 -28.47
CA LEU F 50 14.85 -11.45 -27.82
C LEU F 50 14.26 -11.45 -26.41
N ILE F 51 13.39 -12.42 -26.15
CA ILE F 51 12.65 -12.54 -24.91
C ILE F 51 13.56 -12.72 -23.72
N TYR F 52 14.59 -13.56 -23.86
CA TYR F 52 15.49 -13.87 -22.76
C TYR F 52 16.25 -12.65 -22.26
N GLU F 53 16.75 -11.82 -23.17
CA GLU F 53 17.45 -10.62 -22.76
C GLU F 53 16.51 -9.57 -22.18
N GLU F 54 15.31 -9.42 -22.76
CA GLU F 54 14.31 -8.53 -22.20
C GLU F 54 13.90 -8.94 -20.79
N VAL F 55 13.68 -10.24 -20.57
CA VAL F 55 13.19 -10.69 -19.28
C VAL F 55 14.31 -10.65 -18.24
N ARG F 56 15.56 -10.78 -18.67
CA ARG F 56 16.68 -10.57 -17.77
C ARG F 56 16.72 -9.14 -17.26
N ALA F 57 16.50 -8.16 -18.16
CA ALA F 57 16.42 -6.77 -17.75
C ALA F 57 15.28 -6.50 -16.78
N VAL F 58 14.10 -7.05 -17.04
CA VAL F 58 12.94 -6.82 -16.19
C VAL F 58 13.16 -7.44 -14.81
N LEU F 59 13.69 -8.67 -14.78
CA LEU F 59 13.91 -9.36 -13.52
C LEU F 59 14.98 -8.67 -12.68
N LYS F 60 16.03 -8.17 -13.33
CA LYS F 60 17.06 -7.41 -12.62
C LYS F 60 16.50 -6.14 -12.01
N SER F 61 15.63 -5.44 -12.74
CA SER F 61 14.99 -4.24 -12.19
C SER F 61 14.14 -4.55 -10.97
N PHE F 62 13.40 -5.66 -11.02
CA PHE F 62 12.64 -6.12 -9.88
C PHE F 62 13.52 -6.44 -8.67
N LEU F 63 14.65 -7.09 -8.91
CA LEU F 63 15.53 -7.45 -7.80
C LEU F 63 16.21 -6.25 -7.17
N GLU F 64 16.63 -5.26 -7.97
CA GLU F 64 17.15 -4.03 -7.35
C GLU F 64 16.08 -3.34 -6.52
N SER F 65 14.85 -3.26 -7.03
CA SER F 65 13.80 -2.56 -6.32
C SER F 65 13.31 -3.28 -5.07
N VAL F 66 13.70 -4.55 -4.85
CA VAL F 66 13.37 -5.22 -3.61
C VAL F 66 14.57 -5.34 -2.66
N ILE F 67 15.78 -5.60 -3.16
CA ILE F 67 16.88 -5.84 -2.24
C ILE F 67 17.46 -4.52 -1.75
N ARG F 68 17.14 -3.40 -2.41
CA ARG F 68 17.44 -2.11 -1.81
C ARG F 68 16.69 -1.90 -0.50
N ASP F 69 15.41 -2.25 -0.47
CA ASP F 69 14.62 -2.17 0.75
C ASP F 69 15.08 -3.19 1.78
N SER F 70 15.43 -4.41 1.34
CA SER F 70 15.89 -5.43 2.27
C SER F 70 17.21 -5.07 2.93
N VAL F 71 18.15 -4.52 2.14
CA VAL F 71 19.43 -4.09 2.69
C VAL F 71 19.23 -2.91 3.63
N THR F 72 18.25 -2.05 3.35
CA THR F 72 17.92 -0.96 4.28
C THR F 72 17.42 -1.51 5.62
N TYR F 73 16.55 -2.51 5.58
CA TYR F 73 16.04 -3.11 6.81
C TYR F 73 17.14 -3.84 7.58
N THR F 74 18.08 -4.44 6.86
CA THR F 74 19.20 -5.11 7.52
C THR F 74 20.14 -4.09 8.15
N GLU F 75 20.37 -2.98 7.47
CA GLU F 75 21.32 -1.98 7.93
C GLU F 75 20.79 -1.21 9.13
N HIS F 76 19.48 -0.97 9.16
CA HIS F 76 18.91 -0.19 10.26
C HIS F 76 19.02 -0.91 11.59
N ALA F 77 18.78 -2.21 11.61
CA ALA F 77 18.81 -2.94 12.86
C ALA F 77 20.21 -3.30 13.31
N LYS F 78 21.25 -2.80 12.63
CA LYS F 78 22.65 -2.96 13.00
C LYS F 78 23.06 -4.42 13.02
N ARG F 79 22.43 -5.20 12.16
CA ARG F 79 22.70 -6.62 12.00
C ARG F 79 23.40 -6.80 10.67
N LYS F 80 24.47 -7.59 10.66
CA LYS F 80 25.28 -7.71 9.46
C LYS F 80 24.94 -8.93 8.63
N THR F 81 23.71 -9.43 8.72
CA THR F 81 23.25 -10.51 7.85
C THR F 81 21.76 -10.38 7.64
N VAL F 82 21.30 -10.89 6.49
CA VAL F 82 19.91 -10.76 6.09
C VAL F 82 19.21 -12.09 6.36
N THR F 83 18.04 -12.04 6.99
CA THR F 83 17.23 -13.22 7.19
C THR F 83 15.89 -13.08 6.49
N SER F 84 15.05 -14.10 6.67
CA SER F 84 13.84 -14.22 5.87
C SER F 84 12.75 -13.25 6.32
N LEU F 85 12.75 -12.90 7.61
CA LEU F 85 11.80 -11.90 8.09
C LEU F 85 12.08 -10.53 7.50
N ASP F 86 13.35 -10.23 7.26
CA ASP F 86 13.72 -9.02 6.54
C ASP F 86 13.18 -9.06 5.12
N VAL F 87 13.24 -10.22 4.48
CA VAL F 87 12.75 -10.40 3.12
C VAL F 87 11.24 -10.17 3.06
N VAL F 88 10.53 -10.78 4.01
CA VAL F 88 9.07 -10.67 4.02
C VAL F 88 8.65 -9.24 4.34
N TYR F 89 9.37 -8.59 5.26
CA TYR F 89 9.10 -7.21 5.60
C TYR F 89 9.38 -6.28 4.41
N ALA F 90 10.41 -6.61 3.62
CA ALA F 90 10.70 -5.82 2.43
C ALA F 90 9.65 -6.02 1.36
N LEU F 91 9.21 -7.26 1.17
CA LEU F 91 8.21 -7.57 0.15
C LEU F 91 6.86 -6.97 0.51
N LYS F 92 6.59 -6.78 1.80
CA LYS F 92 5.36 -6.13 2.26
C LYS F 92 5.25 -4.70 1.72
N ARG F 93 6.38 -4.04 1.48
CA ARG F 93 6.35 -2.70 0.92
C ARG F 93 5.89 -2.70 -0.54
N GLN F 94 6.12 -3.80 -1.25
CA GLN F 94 5.79 -3.84 -2.67
C GLN F 94 4.30 -4.02 -2.89
N GLY F 95 3.57 -4.44 -1.86
CA GLY F 95 2.16 -4.72 -2.02
C GLY F 95 1.98 -6.20 -2.24
N ARG F 96 2.93 -6.98 -1.73
CA ARG F 96 3.00 -8.41 -1.98
C ARG F 96 3.28 -9.14 -0.66
N THR F 97 2.54 -10.20 -0.41
CA THR F 97 2.68 -10.89 0.86
C THR F 97 3.07 -12.34 0.61
N LEU F 98 4.04 -12.83 1.38
CA LEU F 98 4.54 -14.18 1.27
C LEU F 98 4.39 -14.89 2.61
N TYR F 99 3.51 -15.87 2.67
CA TYR F 99 3.39 -16.69 3.86
C TYR F 99 4.36 -17.86 3.82
N GLY F 100 4.34 -18.67 4.87
CA GLY F 100 5.14 -19.88 4.93
C GLY F 100 6.48 -19.71 5.61
N PHE F 101 7.00 -18.50 5.67
CA PHE F 101 8.31 -18.26 6.24
C PHE F 101 8.22 -17.33 7.44
N GLY F 102 7.00 -16.85 7.73
CA GLY F 102 6.79 -15.96 8.85
C GLY F 102 6.56 -14.52 8.44
N GLY F 103 5.35 -14.01 8.67
CA GLY F 103 5.05 -12.62 8.35
C GLY F 103 3.58 -12.31 8.29
N GLN G 17 13.19 31.05 24.16
CA GLN G 17 13.17 31.07 22.70
C GLN G 17 12.37 29.90 22.15
N SER G 18 11.59 30.16 21.10
CA SER G 18 10.83 29.11 20.44
C SER G 18 11.75 28.14 19.72
N ARG G 19 11.28 26.89 19.61
CA ARG G 19 12.12 25.80 19.15
C ARG G 19 12.46 25.93 17.67
N SER G 20 11.55 26.51 16.89
CA SER G 20 11.78 26.68 15.46
C SER G 20 12.83 27.75 15.20
N ALA G 21 12.80 28.84 15.97
CA ALA G 21 13.85 29.84 15.89
C ALA G 21 15.16 29.29 16.44
N LYS G 22 15.08 28.43 17.45
CA LYS G 22 16.25 27.76 18.00
C LYS G 22 16.87 26.77 17.03
N ALA G 23 16.12 26.31 16.03
CA ALA G 23 16.63 25.44 14.99
C ALA G 23 16.82 26.14 13.66
N GLY G 24 16.14 27.26 13.45
CA GLY G 24 16.20 27.92 12.17
C GLY G 24 15.30 27.33 11.10
N LEU G 25 14.02 27.16 11.39
CA LEU G 25 13.04 26.61 10.47
C LEU G 25 11.77 27.45 10.53
N THR G 26 10.77 27.09 9.72
CA THR G 26 9.51 27.82 9.70
C THR G 26 8.28 26.98 10.05
N PHE G 27 8.27 25.65 9.75
CA PHE G 27 7.09 24.92 10.16
C PHE G 27 7.13 24.64 11.65
N PRO G 28 5.98 24.67 12.34
CA PRO G 28 5.99 24.57 13.81
C PRO G 28 6.33 23.19 14.35
N VAL G 29 7.51 23.07 14.95
CA VAL G 29 7.91 21.83 15.61
C VAL G 29 7.05 21.60 16.85
N GLY G 30 6.59 22.68 17.48
CA GLY G 30 5.68 22.56 18.61
C GLY G 30 4.36 21.91 18.25
N ARG G 31 3.89 22.10 17.02
CA ARG G 31 2.72 21.36 16.57
C ARG G 31 3.07 19.91 16.24
N VAL G 32 4.25 19.70 15.66
CA VAL G 32 4.63 18.38 15.15
C VAL G 32 4.83 17.41 16.30
N HIS G 33 5.56 17.83 17.32
CA HIS G 33 5.77 16.98 18.49
C HIS G 33 4.47 16.77 19.26
N ARG G 34 3.56 17.74 19.20
CA ARG G 34 2.27 17.59 19.86
C ARG G 34 1.38 16.60 19.14
N LEU G 35 1.47 16.52 17.80
CA LEU G 35 0.63 15.58 17.07
C LEU G 35 1.09 14.15 17.26
N LEU G 36 2.40 13.93 17.37
CA LEU G 36 2.93 12.59 17.50
C LEU G 36 2.59 11.94 18.84
N ARG G 37 2.44 12.74 19.89
CA ARG G 37 1.95 12.21 21.16
C ARG G 37 0.50 11.75 21.02
N ARG G 38 -0.31 12.50 20.29
CA ARG G 38 -1.72 12.20 20.09
C ARG G 38 -1.94 11.28 18.89
N GLY G 39 -0.88 10.71 18.34
CA GLY G 39 -1.03 9.90 17.15
C GLY G 39 -0.96 8.42 17.44
N ASN G 40 -0.56 8.07 18.66
CA ASN G 40 -0.49 6.69 19.17
C ASN G 40 0.41 5.81 18.31
N TYR G 41 1.47 6.40 17.76
CA TYR G 41 2.40 5.66 16.93
C TYR G 41 3.29 4.73 17.73
N ALA G 42 3.82 5.20 18.85
CA ALA G 42 4.52 4.36 19.81
C ALA G 42 4.35 4.99 21.18
N GLN G 43 5.01 4.39 22.17
CA GLN G 43 4.80 4.80 23.56
C GLN G 43 5.43 6.16 23.84
N ARG G 44 6.67 6.35 23.38
CA ARG G 44 7.41 7.57 23.66
C ARG G 44 7.89 8.19 22.36
N ILE G 45 8.16 9.48 22.39
CA ILE G 45 8.70 10.20 21.24
C ILE G 45 10.08 10.68 21.62
N GLY G 46 11.09 10.23 20.89
CA GLY G 46 12.44 10.73 21.11
C GLY G 46 12.54 12.18 20.67
N SER G 47 13.07 13.03 21.54
CA SER G 47 13.27 14.43 21.21
C SER G 47 14.36 14.55 20.17
N GLY G 48 14.09 15.29 19.10
CA GLY G 48 15.00 15.34 17.98
C GLY G 48 14.35 14.75 16.75
N ALA G 49 13.54 13.70 16.95
CA ALA G 49 12.72 13.19 15.86
C ALA G 49 11.71 14.20 15.31
N PRO G 50 10.92 14.94 16.12
CA PRO G 50 9.95 15.86 15.49
C PRO G 50 10.57 17.00 14.71
N VAL G 51 11.70 17.54 15.15
CA VAL G 51 12.34 18.61 14.39
C VAL G 51 12.97 18.04 13.12
N TYR G 52 13.48 16.80 13.19
CA TYR G 52 14.01 16.13 12.01
C TYR G 52 12.94 15.90 10.99
N LEU G 53 11.74 15.51 11.43
CA LEU G 53 10.65 15.31 10.51
C LEU G 53 10.14 16.64 9.96
N THR G 54 10.11 17.67 10.80
CA THR G 54 9.69 19.00 10.41
C THR G 54 10.61 19.58 9.35
N ALA G 55 11.91 19.27 9.41
CA ALA G 55 12.84 19.70 8.38
C ALA G 55 12.50 19.09 7.02
N VAL G 56 12.16 17.80 7.00
CA VAL G 56 11.83 17.14 5.73
C VAL G 56 10.52 17.67 5.19
N LEU G 57 9.54 17.91 6.06
CA LEU G 57 8.29 18.50 5.63
C LEU G 57 8.45 19.92 5.14
N GLU G 58 9.36 20.68 5.73
CA GLU G 58 9.65 22.04 5.27
C GLU G 58 10.41 22.02 3.96
N TYR G 59 11.22 20.98 3.73
CA TYR G 59 11.93 20.84 2.48
C TYR G 59 10.99 20.51 1.33
N LEU G 60 10.10 19.53 1.53
CA LEU G 60 9.27 19.04 0.43
C LEU G 60 8.22 20.06 0.03
N ALA G 61 7.70 20.82 1.00
CA ALA G 61 6.70 21.83 0.72
C ALA G 61 7.22 22.94 -0.17
N ALA G 62 8.42 23.44 0.08
CA ALA G 62 9.04 24.40 -0.82
C ALA G 62 9.53 23.77 -2.11
N GLU G 63 9.90 22.48 -2.06
CA GLU G 63 10.34 21.77 -3.26
C GLU G 63 9.24 21.69 -4.31
N ILE G 64 8.03 21.33 -3.90
CA ILE G 64 6.92 21.32 -4.85
C ILE G 64 6.49 22.74 -5.20
N LEU G 65 6.61 23.66 -4.22
CA LEU G 65 6.19 25.04 -4.45
C LEU G 65 7.04 25.75 -5.51
N GLU G 66 8.32 25.41 -5.60
CA GLU G 66 9.16 26.02 -6.63
C GLU G 66 8.76 25.55 -8.02
N LEU G 67 8.44 24.27 -8.16
CA LEU G 67 7.97 23.75 -9.45
C LEU G 67 6.61 24.32 -9.81
N ALA G 68 5.75 24.56 -8.80
CA ALA G 68 4.48 25.22 -9.06
C ALA G 68 4.66 26.68 -9.45
N GLY G 69 5.65 27.36 -8.90
CA GLY G 69 5.97 28.72 -9.27
C GLY G 69 6.50 28.80 -10.69
N ASN G 70 7.33 27.83 -11.08
CA ASN G 70 7.80 27.74 -12.46
C ASN G 70 6.68 27.45 -13.45
N ALA G 71 5.70 26.64 -13.06
CA ALA G 71 4.54 26.40 -13.91
C ALA G 71 3.68 27.63 -14.10
N ALA G 72 3.53 28.45 -13.06
CA ALA G 72 2.80 29.71 -13.21
C ALA G 72 3.59 30.75 -13.98
N ARG G 73 4.91 30.60 -14.05
CA ARG G 73 5.75 31.59 -14.72
C ARG G 73 5.78 31.43 -16.23
N ASP G 74 5.58 30.21 -16.75
CA ASP G 74 5.57 30.00 -18.19
C ASP G 74 4.22 30.30 -18.81
N ASN G 75 3.20 30.56 -17.99
CA ASN G 75 1.90 30.96 -18.51
C ASN G 75 1.58 32.40 -18.12
N LYS G 76 2.56 33.11 -17.54
CA LYS G 76 2.48 34.53 -17.18
C LYS G 76 1.31 34.82 -16.26
N LYS G 77 1.09 33.93 -15.29
CA LYS G 77 -0.07 34.01 -14.43
C LYS G 77 0.36 34.23 -12.98
N THR G 78 -0.29 35.19 -12.32
CA THR G 78 0.08 35.64 -10.99
C THR G 78 -0.79 35.00 -9.91
N ARG G 79 -1.23 33.76 -10.13
CA ARG G 79 -2.14 33.09 -9.20
C ARG G 79 -2.06 31.60 -9.48
N ILE G 80 -1.65 30.82 -8.48
CA ILE G 80 -1.44 29.39 -8.69
C ILE G 80 -2.77 28.67 -8.70
N ILE G 81 -3.03 27.93 -9.77
CA ILE G 81 -4.27 27.17 -9.94
C ILE G 81 -3.90 25.69 -9.85
N PRO G 82 -4.85 24.79 -9.56
CA PRO G 82 -4.49 23.37 -9.40
C PRO G 82 -3.95 22.69 -10.65
N ARG G 83 -4.22 23.23 -11.83
CA ARG G 83 -3.63 22.70 -13.06
C ARG G 83 -2.12 22.84 -13.03
N HIS G 84 -1.62 23.94 -12.43
CA HIS G 84 -0.18 24.12 -12.31
C HIS G 84 0.44 23.04 -11.44
N LEU G 85 -0.21 22.71 -10.32
CA LEU G 85 0.29 21.65 -9.45
C LEU G 85 0.22 20.29 -10.15
N GLN G 86 -0.86 20.05 -10.91
CA GLN G 86 -1.01 18.79 -11.63
C GLN G 86 0.09 18.63 -12.67
N LEU G 87 0.36 19.70 -13.43
CA LEU G 87 1.39 19.67 -14.46
C LEU G 87 2.76 19.49 -13.85
N ALA G 88 3.02 20.18 -12.73
CA ALA G 88 4.31 20.07 -12.06
C ALA G 88 4.53 18.67 -11.50
N ILE G 89 3.48 18.07 -10.92
CA ILE G 89 3.68 16.79 -10.28
C ILE G 89 3.71 15.67 -11.31
N ARG G 90 3.17 15.90 -12.50
CA ARG G 90 3.23 14.87 -13.52
C ARG G 90 4.42 15.01 -14.46
N ASN G 91 5.07 16.17 -14.51
CA ASN G 91 6.10 16.39 -15.52
C ASN G 91 7.35 15.60 -15.22
N ASP G 92 7.99 15.88 -14.08
CA ASP G 92 9.22 15.19 -13.71
C ASP G 92 8.91 13.91 -12.96
N ASP G 93 9.74 12.90 -13.16
CA ASP G 93 9.61 11.67 -12.40
C ASP G 93 10.28 11.84 -11.04
N GLU G 94 10.18 10.79 -10.23
CA GLU G 94 10.59 10.62 -8.82
C GLU G 94 9.73 11.42 -7.85
N LEU G 95 8.89 12.31 -8.34
CA LEU G 95 7.74 12.86 -7.64
C LEU G 95 6.45 12.25 -8.14
N ASN G 96 6.33 12.13 -9.46
CA ASN G 96 5.25 11.34 -10.05
C ASN G 96 5.37 9.88 -9.66
N LYS G 97 6.60 9.37 -9.55
CA LYS G 97 6.82 8.02 -9.04
C LYS G 97 6.45 7.91 -7.56
N LEU G 98 6.70 8.95 -6.78
CA LEU G 98 6.26 8.96 -5.38
C LEU G 98 4.74 9.04 -5.29
N LEU G 99 4.13 9.98 -6.00
CA LEU G 99 2.69 10.15 -5.98
C LEU G 99 2.06 9.43 -7.17
N GLY G 100 2.27 8.12 -7.21
CA GLY G 100 1.86 7.33 -8.34
C GLY G 100 0.41 6.89 -8.36
N ASN G 101 -0.39 7.29 -7.38
CA ASN G 101 -1.79 6.87 -7.34
C ASN G 101 -2.72 7.99 -6.92
N VAL G 102 -2.25 9.22 -6.86
CA VAL G 102 -3.09 10.32 -6.38
C VAL G 102 -3.70 11.01 -7.58
N THR G 103 -4.82 11.67 -7.33
CA THR G 103 -5.51 12.48 -8.34
C THR G 103 -5.89 13.80 -7.69
N ILE G 104 -5.32 14.89 -8.18
CA ILE G 104 -5.62 16.20 -7.63
C ILE G 104 -7.02 16.61 -8.09
N ALA G 105 -7.75 17.30 -7.21
CA ALA G 105 -9.06 17.81 -7.55
C ALA G 105 -8.96 18.91 -8.61
N GLN G 106 -9.69 18.73 -9.71
CA GLN G 106 -9.69 19.62 -10.88
C GLN G 106 -8.29 19.80 -11.45
N GLY G 107 -7.64 18.67 -11.75
CA GLY G 107 -6.26 18.71 -12.19
C GLY G 107 -6.06 18.47 -13.67
N GLY G 108 -6.78 17.52 -14.25
CA GLY G 108 -6.63 17.27 -15.66
C GLY G 108 -5.44 16.39 -15.99
N VAL G 109 -5.23 16.22 -17.30
CA VAL G 109 -4.26 15.26 -17.82
C VAL G 109 -3.20 16.04 -18.60
N LEU G 110 -1.97 15.50 -18.68
CA LEU G 110 -0.82 16.02 -19.42
C LEU G 110 -1.15 16.11 -20.92
N PRO G 111 -0.55 17.08 -21.63
CA PRO G 111 -0.70 17.10 -23.09
C PRO G 111 0.07 15.97 -23.76
N ASN G 112 -0.66 15.04 -24.38
CA ASN G 112 -0.04 13.83 -24.92
C ASN G 112 -0.74 13.47 -26.22
N ILE G 113 0.03 13.39 -27.31
CA ILE G 113 -0.46 12.91 -28.60
C ILE G 113 0.43 11.76 -29.05
N HIS G 114 -0.18 10.63 -29.42
CA HIS G 114 0.56 9.43 -29.79
C HIS G 114 0.65 9.28 -31.31
N GLN G 115 1.55 8.40 -31.76
CA GLN G 115 1.72 8.13 -33.19
C GLN G 115 0.58 7.25 -33.67
N ASN G 116 -0.43 7.93 -34.17
CA ASN G 116 -1.65 7.28 -34.59
C ASN G 116 -1.50 6.63 -35.96
N ARG H 37 -13.07 24.13 14.92
CA ARG H 37 -12.13 25.05 14.29
C ARG H 37 -11.33 24.34 13.20
N LYS H 38 -10.53 25.09 12.46
CA LYS H 38 -9.79 24.57 11.32
C LYS H 38 -8.30 24.62 11.62
N GLU H 39 -7.63 23.47 11.47
CA GLU H 39 -6.19 23.38 11.72
C GLU H 39 -5.45 23.43 10.39
N THR H 40 -5.43 24.60 9.77
CA THR H 40 -4.80 24.78 8.47
C THR H 40 -3.31 24.99 8.66
N TYR H 41 -2.57 24.95 7.56
CA TYR H 41 -1.15 25.24 7.58
C TYR H 41 -0.89 26.53 6.82
N SER H 42 -1.91 27.38 6.70
CA SER H 42 -1.96 28.42 5.69
C SER H 42 -0.94 29.52 5.93
N SER H 43 -0.78 29.94 7.18
CA SER H 43 0.20 30.96 7.52
C SER H 43 1.61 30.48 7.25
N TYR H 44 1.90 29.24 7.63
CA TYR H 44 3.20 28.64 7.40
C TYR H 44 3.49 28.51 5.92
N ILE H 45 2.50 28.04 5.16
CA ILE H 45 2.65 27.82 3.72
C ILE H 45 2.85 29.14 3.01
N TYR H 46 2.05 30.14 3.38
CA TYR H 46 2.12 31.44 2.73
C TYR H 46 3.41 32.16 3.05
N LYS H 47 3.98 31.89 4.23
CA LYS H 47 5.28 32.47 4.54
C LYS H 47 6.42 31.67 3.89
N VAL H 48 6.19 30.40 3.59
CA VAL H 48 7.17 29.63 2.83
C VAL H 48 7.23 30.10 1.39
N LEU H 49 6.08 30.42 0.78
CA LEU H 49 6.06 30.74 -0.64
C LEU H 49 6.73 32.07 -0.96
N LYS H 50 6.85 32.96 0.03
CA LYS H 50 7.57 34.21 -0.21
C LYS H 50 9.07 34.03 -0.28
N GLN H 51 9.60 32.88 0.18
CA GLN H 51 11.04 32.64 0.17
C GLN H 51 11.60 32.57 -1.25
N THR H 52 10.86 31.95 -2.16
CA THR H 52 11.34 31.75 -3.52
C THR H 52 10.64 32.66 -4.52
N HIS H 53 9.30 32.64 -4.54
CA HIS H 53 8.54 33.45 -5.49
C HIS H 53 7.69 34.41 -4.67
N PRO H 54 8.22 35.58 -4.38
CA PRO H 54 7.54 36.49 -3.44
C PRO H 54 6.39 37.29 -4.05
N ASP H 55 6.17 37.10 -5.35
CA ASP H 55 5.11 37.84 -6.03
C ASP H 55 3.92 36.96 -6.40
N THR H 56 4.11 35.64 -6.48
CA THR H 56 3.07 34.75 -6.95
C THR H 56 1.94 34.66 -5.92
N GLY H 57 0.72 34.45 -6.40
CA GLY H 57 -0.42 34.32 -5.52
C GLY H 57 -0.88 32.89 -5.41
N ILE H 58 -1.78 32.61 -4.48
CA ILE H 58 -2.20 31.23 -4.21
C ILE H 58 -3.72 31.18 -4.18
N SER H 59 -4.25 29.99 -4.40
CA SER H 59 -5.68 29.75 -4.30
C SER H 59 -5.99 29.01 -3.01
N GLN H 60 -7.17 29.31 -2.46
CA GLN H 60 -7.62 28.67 -1.23
C GLN H 60 -7.81 27.17 -1.43
N LYS H 61 -8.39 26.79 -2.57
CA LYS H 61 -8.54 25.37 -2.89
C LYS H 61 -7.18 24.72 -3.11
N SER H 62 -6.27 25.44 -3.76
CA SER H 62 -4.89 24.98 -3.90
C SER H 62 -4.19 24.88 -2.55
N MET H 63 -4.51 25.81 -1.64
CA MET H 63 -3.98 25.75 -0.29
C MET H 63 -4.45 24.48 0.42
N SER H 64 -5.72 24.13 0.24
CA SER H 64 -6.25 22.88 0.77
C SER H 64 -5.57 21.67 0.16
N ILE H 65 -5.22 21.76 -1.13
CA ILE H 65 -4.61 20.64 -1.84
C ILE H 65 -3.26 20.29 -1.22
N LEU H 66 -2.38 21.28 -1.09
CA LEU H 66 -1.05 20.90 -0.61
C LEU H 66 -1.06 20.73 0.89
N ASN H 67 -2.02 21.33 1.60
CA ASN H 67 -2.15 21.05 3.03
C ASN H 67 -2.53 19.59 3.27
N SER H 68 -3.48 19.08 2.50
CA SER H 68 -3.84 17.67 2.59
C SER H 68 -2.69 16.78 2.16
N PHE H 69 -1.91 17.23 1.18
CA PHE H 69 -0.74 16.46 0.75
C PHE H 69 0.31 16.37 1.85
N VAL H 70 0.53 17.48 2.56
CA VAL H 70 1.46 17.52 3.67
C VAL H 70 1.01 16.57 4.78
N ASN H 71 -0.29 16.59 5.10
CA ASN H 71 -0.81 15.67 6.10
C ASN H 71 -0.67 14.22 5.65
N ASP H 72 -0.81 13.97 4.35
CA ASP H 72 -0.66 12.63 3.80
C ASP H 72 0.77 12.12 4.00
N ILE H 73 1.77 12.94 3.65
CA ILE H 73 3.15 12.50 3.78
C ILE H 73 3.52 12.33 5.25
N PHE H 74 2.99 13.20 6.11
CA PHE H 74 3.26 13.11 7.53
C PHE H 74 2.69 11.81 8.10
N GLU H 75 1.47 11.46 7.72
CA GLU H 75 0.86 10.22 8.17
C GLU H 75 1.61 9.01 7.64
N ARG H 76 2.04 9.07 6.38
CA ARG H 76 2.77 7.95 5.77
C ARG H 76 4.07 7.68 6.50
N ILE H 77 4.87 8.72 6.72
CA ILE H 77 6.17 8.56 7.35
C ILE H 77 6.01 8.15 8.81
N ALA H 78 5.05 8.74 9.52
CA ALA H 78 4.88 8.41 10.92
C ALA H 78 4.36 6.99 11.10
N THR H 79 3.45 6.55 10.24
CA THR H 79 2.94 5.18 10.29
C THR H 79 4.03 4.18 9.98
N GLU H 80 4.84 4.46 8.96
CA GLU H 80 5.97 3.61 8.63
C GLU H 80 6.97 3.53 9.76
N ALA H 81 7.27 4.66 10.39
CA ALA H 81 8.20 4.68 11.51
C ALA H 81 7.66 3.91 12.69
N SER H 82 6.35 3.99 12.93
CA SER H 82 5.73 3.25 14.02
C SER H 82 5.82 1.75 13.80
N LYS H 83 5.62 1.29 12.57
CA LYS H 83 5.67 -0.14 12.28
C LYS H 83 7.08 -0.71 12.49
N LEU H 84 8.10 0.02 12.05
CA LEU H 84 9.46 -0.47 12.23
C LEU H 84 9.90 -0.32 13.68
N ALA H 85 9.34 0.65 14.40
CA ALA H 85 9.65 0.79 15.82
C ALA H 85 9.08 -0.36 16.61
N ALA H 86 7.84 -0.77 16.30
CA ALA H 86 7.25 -1.91 16.98
C ALA H 86 7.87 -3.21 16.48
N TYR H 87 8.51 -3.18 15.31
CA TYR H 87 9.28 -4.32 14.84
C TYR H 87 10.50 -4.59 15.71
N ASN H 88 11.31 -3.56 15.97
CA ASN H 88 12.56 -3.79 16.67
C ASN H 88 12.42 -3.68 18.18
N LYS H 89 11.20 -3.86 18.71
CA LYS H 89 10.92 -3.98 20.14
C LYS H 89 11.35 -2.73 20.90
N LYS H 90 11.23 -1.59 20.25
CA LYS H 90 11.57 -0.31 20.84
C LYS H 90 10.30 0.43 21.23
N SER H 91 10.40 1.20 22.30
CA SER H 91 9.24 1.91 22.81
C SER H 91 9.24 3.38 22.44
N THR H 92 10.35 3.89 21.90
CA THR H 92 10.43 5.31 21.59
C THR H 92 10.77 5.50 20.12
N ILE H 93 10.52 6.71 19.64
CA ILE H 93 10.73 7.06 18.24
C ILE H 93 11.81 8.13 18.20
N SER H 94 13.05 7.71 18.01
CA SER H 94 14.16 8.65 17.86
C SER H 94 14.23 9.14 16.41
N ALA H 95 15.18 10.02 16.14
CA ALA H 95 15.35 10.50 14.78
C ALA H 95 16.07 9.49 13.89
N ARG H 96 16.69 8.46 14.48
CA ARG H 96 17.23 7.35 13.70
C ARG H 96 16.15 6.64 12.91
N GLU H 97 15.01 6.39 13.56
CA GLU H 97 13.89 5.71 12.91
C GLU H 97 13.26 6.59 11.85
N ILE H 98 13.20 7.90 12.09
CA ILE H 98 12.68 8.82 11.09
C ILE H 98 13.63 8.88 9.90
N GLN H 99 14.93 8.78 10.16
CA GLN H 99 15.92 8.76 9.09
C GLN H 99 15.73 7.54 8.20
N THR H 100 15.40 6.40 8.80
CA THR H 100 15.07 5.22 8.02
C THR H 100 13.79 5.41 7.22
N ALA H 101 12.75 5.95 7.85
CA ALA H 101 11.44 6.04 7.23
C ALA H 101 11.41 7.04 6.08
N VAL H 102 12.10 8.17 6.22
CA VAL H 102 12.21 9.12 5.12
C VAL H 102 13.03 8.52 3.99
N ARG H 103 14.03 7.71 4.33
CA ARG H 103 14.82 7.02 3.29
C ARG H 103 14.05 5.93 2.57
N LEU H 104 12.91 5.49 3.10
CA LEU H 104 12.15 4.48 2.37
C LEU H 104 10.89 5.03 1.70
N ILE H 105 10.20 5.97 2.32
CA ILE H 105 9.02 6.57 1.69
C ILE H 105 9.43 7.47 0.52
N LEU H 106 10.40 8.34 0.72
CA LEU H 106 10.89 9.15 -0.38
C LEU H 106 11.76 8.32 -1.31
N PRO H 107 11.60 8.45 -2.62
CA PRO H 107 12.41 7.67 -3.55
C PRO H 107 13.66 8.40 -4.04
N GLY H 108 14.77 7.65 -4.06
CA GLY H 108 16.02 8.03 -4.70
C GLY H 108 16.66 9.29 -4.19
N GLU H 109 17.00 10.18 -5.13
CA GLU H 109 17.69 11.41 -4.77
C GLU H 109 16.78 12.41 -4.08
N LEU H 110 15.47 12.28 -4.21
CA LEU H 110 14.57 13.04 -3.35
C LEU H 110 14.75 12.64 -1.89
N ALA H 111 14.94 11.36 -1.62
CA ALA H 111 15.31 10.93 -0.27
C ALA H 111 16.69 11.43 0.12
N LYS H 112 17.64 11.36 -0.80
CA LYS H 112 19.01 11.73 -0.47
C LYS H 112 19.18 13.23 -0.28
N HIS H 113 18.26 14.03 -0.83
CA HIS H 113 18.28 15.46 -0.58
C HIS H 113 17.28 15.85 0.51
N ALA H 114 16.59 14.87 1.09
CA ALA H 114 15.77 15.17 2.26
C ALA H 114 16.48 14.73 3.53
N VAL H 115 17.35 13.71 3.43
CA VAL H 115 18.16 13.25 4.56
C VAL H 115 19.12 14.35 5.01
N SER H 116 19.77 15.01 4.05
CA SER H 116 20.75 16.05 4.37
C SER H 116 20.05 17.27 4.99
N GLU H 117 18.91 17.65 4.42
CA GLU H 117 18.12 18.74 5.01
C GLU H 117 17.57 18.35 6.37
N GLY H 118 17.21 17.09 6.54
CA GLY H 118 16.76 16.61 7.84
C GLY H 118 17.87 16.61 8.87
N THR H 119 19.06 16.14 8.50
CA THR H 119 20.11 16.03 9.50
C THR H 119 20.81 17.36 9.74
N ARG H 120 20.55 18.36 8.90
CA ARG H 120 21.12 19.68 9.14
C ARG H 120 20.44 20.39 10.30
N ALA H 121 19.11 20.38 10.32
CA ALA H 121 18.37 21.20 11.26
C ALA H 121 18.50 20.68 12.68
N VAL H 122 18.66 19.37 12.84
CA VAL H 122 18.79 18.80 14.18
C VAL H 122 20.12 19.20 14.82
N THR H 123 21.19 19.26 14.04
CA THR H 123 22.48 19.69 14.58
C THR H 123 22.50 21.19 14.83
N LYS H 124 21.80 21.97 13.99
CA LYS H 124 21.67 23.39 14.30
C LYS H 124 20.86 23.62 15.57
N TYR H 125 19.81 22.85 15.76
CA TYR H 125 18.99 22.90 16.95
C TYR H 125 19.75 22.49 18.20
N SER H 126 20.55 21.43 18.12
CA SER H 126 21.32 20.93 19.25
C SER H 126 22.41 21.91 19.70
N SER H 127 23.11 22.53 18.76
CA SER H 127 24.11 23.54 19.09
C SER H 127 23.50 24.92 19.24
N SER H 128 22.53 25.07 20.14
CA SER H 128 21.85 26.35 20.33
C SER H 128 21.56 26.59 21.80
N THR K 6 40.77 15.02 28.33
CA THR K 6 39.38 14.73 28.64
C THR K 6 39.34 13.80 29.86
N GLN K 7 40.31 12.87 29.89
CA GLN K 7 40.50 11.88 30.95
C GLN K 7 39.25 11.03 31.13
N LEU K 8 38.99 10.22 30.10
CA LEU K 8 37.83 9.34 30.04
C LEU K 8 38.05 8.17 31.02
N LYS K 9 38.02 8.47 32.31
CA LYS K 9 38.54 7.55 33.30
C LYS K 9 37.52 7.07 34.32
N SER K 10 36.54 7.88 34.71
CA SER K 10 35.46 7.39 35.56
C SER K 10 34.35 6.84 34.68
N LYS K 11 33.84 7.69 33.79
CA LYS K 11 32.57 7.51 33.08
C LYS K 11 31.46 7.19 34.07
N HIS K 12 31.44 7.97 35.15
CA HIS K 12 30.67 7.70 36.34
C HIS K 12 29.99 8.99 36.79
N PRO K 13 28.79 8.92 37.35
CA PRO K 13 28.06 10.16 37.68
C PRO K 13 28.61 10.89 38.89
N CYS K 14 28.62 12.21 38.80
CA CYS K 14 28.96 13.05 39.93
C CYS K 14 27.80 13.04 40.93
N SER K 15 28.05 13.61 42.11
CA SER K 15 27.03 13.66 43.15
C SER K 15 25.83 14.51 42.74
N VAL K 16 26.08 15.58 41.98
CA VAL K 16 25.00 16.34 41.37
C VAL K 16 24.21 15.47 40.41
N CYS K 17 24.88 14.57 39.70
CA CYS K 17 24.16 13.62 38.86
C CYS K 17 23.43 12.58 39.70
N THR K 18 23.99 12.20 40.85
CA THR K 18 23.22 11.32 41.75
C THR K 18 21.96 12.00 42.28
N ARG K 19 21.95 13.32 42.35
CA ARG K 19 20.72 14.05 42.59
C ARG K 19 19.87 14.27 41.33
N ARG K 20 20.50 14.53 40.19
CA ARG K 20 19.83 15.11 39.04
C ARG K 20 20.25 14.42 37.75
N LYS K 21 20.09 13.09 37.67
CA LYS K 21 20.73 12.31 36.61
C LYS K 21 20.17 12.57 35.23
N VAL K 22 20.63 13.66 34.60
CA VAL K 22 20.20 13.99 33.26
C VAL K 22 21.17 13.44 32.23
N LYS K 23 22.46 13.45 32.54
CA LYS K 23 23.62 12.87 31.86
C LYS K 23 24.83 13.18 32.71
N CYS K 24 25.99 12.64 32.31
CA CYS K 24 27.25 13.02 32.93
C CYS K 24 28.25 13.39 31.83
N ASP K 25 28.85 14.58 31.96
CA ASP K 25 29.77 15.09 30.97
C ASP K 25 31.18 14.58 31.14
N ARG K 26 31.56 14.19 32.37
CA ARG K 26 32.92 13.81 32.76
C ARG K 26 33.92 14.94 32.46
N MET K 27 33.67 16.10 33.05
CA MET K 27 34.48 17.29 32.78
C MET K 27 35.13 17.72 34.09
N ILE K 28 35.71 18.92 34.11
CA ILE K 28 36.17 19.54 35.35
C ILE K 28 35.15 20.59 35.82
N PRO K 29 34.54 20.42 36.99
CA PRO K 29 34.53 19.21 37.82
C PRO K 29 33.56 18.17 37.27
N CYS K 30 32.62 18.66 36.47
CA CYS K 30 31.79 17.95 35.51
C CYS K 30 30.98 19.04 34.80
N GLY K 31 30.65 18.78 33.53
CA GLY K 31 29.85 19.75 32.80
C GLY K 31 28.40 19.72 33.21
N ASN K 32 27.96 18.61 33.82
CA ASN K 32 26.71 18.62 34.55
C ASN K 32 26.77 19.61 35.70
N CYS K 33 27.90 19.67 36.38
CA CYS K 33 28.14 20.64 37.44
C CYS K 33 28.56 22.00 36.91
N ARG K 34 28.95 22.09 35.64
CA ARG K 34 29.44 23.33 35.05
C ARG K 34 28.36 24.03 34.23
N LYS K 35 27.12 23.91 34.64
CA LYS K 35 26.07 24.70 34.03
C LYS K 35 25.62 25.82 34.96
N ARG K 36 25.25 25.45 36.18
CA ARG K 36 24.66 26.39 37.11
C ARG K 36 25.72 27.06 37.99
N GLY K 37 27.00 26.95 37.62
CA GLY K 37 28.09 27.52 38.40
C GLY K 37 28.23 26.88 39.76
N GLN K 38 28.20 25.55 39.81
CA GLN K 38 28.06 24.79 41.06
C GLN K 38 29.21 23.81 41.22
N ASP K 39 30.44 24.35 41.15
CA ASP K 39 31.66 23.58 41.45
C ASP K 39 31.65 23.02 42.87
N SER K 40 31.01 23.73 43.82
CA SER K 40 31.18 23.46 45.24
C SER K 40 30.67 22.08 45.65
N GLU K 41 29.63 21.59 44.98
CA GLU K 41 29.12 20.26 45.28
C GLU K 41 30.05 19.18 44.73
N CYS K 42 30.72 19.47 43.61
CA CYS K 42 31.52 18.44 42.95
C CYS K 42 32.96 18.42 43.46
N MET K 43 33.45 19.52 44.01
CA MET K 43 34.67 19.43 44.79
C MET K 43 34.42 18.91 46.20
N LYS K 44 33.14 18.81 46.58
CA LYS K 44 32.72 18.10 47.78
C LYS K 44 32.10 16.74 47.45
N SER K 45 32.72 16.02 46.53
CA SER K 45 32.16 14.82 45.92
C SER K 45 33.27 13.79 45.85
N THR K 46 33.11 12.81 44.95
CA THR K 46 34.11 11.79 44.65
C THR K 46 35.48 12.40 44.38
N LYS K 47 35.51 13.48 43.60
CA LYS K 47 36.63 14.44 43.52
C LYS K 47 37.91 13.76 43.05
N LEU K 48 37.76 13.07 41.92
CA LEU K 48 38.75 12.15 41.33
C LEU K 48 39.23 11.12 42.34
#